data_4E3E
#
_entry.id   4E3E
#
_cell.length_a   133.438
_cell.length_b   133.438
_cell.length_c   170.798
_cell.angle_alpha   90.000
_cell.angle_beta   90.000
_cell.angle_gamma   120.000
#
_symmetry.space_group_name_H-M   'H 3'
#
loop_
_entity.id
_entity.type
_entity.pdbx_description
1 polymer 'MaoC domain protein dehydratase'
2 non-polymer 'SULFATE ION'
3 water water
#
_entity_poly.entity_id   1
_entity_poly.type   'polypeptide(L)'
_entity_poly.pdbx_seq_one_letter_code
;(MSE)SAKTNPGNFFEDFRLGQTIVHATPRTITEGDVALYTSLYGSRFALTSSTPFAQSLGLERAPIDSLLVFHIVFGKT
VPDISLNAIANLGYAGGRFGAVVYPGDTLSTTSKVIGLRQNKDGKTGVVYVHSVGVNQWDEVVLEYIRWV(MSE)VRKRD
PNAPAPETVVPDLPDSVPVTDLTVPYTVSAANYNLAHAGSNYLWDDYEVGEKIDHVDGVTIEEAEH(MSE)QATRLYQNT
ARVHFNLHVEREGRFGRRIVYGGHIISLARSLSFNGLANALSIAAINSGRHTNPSFAGDTIYAWSEILAK(MSE)AIPGR
TDIGALRVRTVATKDRPCHDFPYRDAEGNYDPAVVLDFDYTVL(MSE)PRRG
;
_entity_poly.pdbx_strand_id   A,B
#
# COMPACT_ATOMS: atom_id res chain seq x y z
N SER A 2 23.43 -3.61 -32.27
CA SER A 2 22.23 -4.50 -32.34
C SER A 2 21.82 -5.04 -30.97
N ALA A 3 20.62 -4.66 -30.53
CA ALA A 3 20.06 -5.09 -29.26
C ALA A 3 20.34 -6.56 -28.91
N LYS A 4 20.80 -6.78 -27.69
CA LYS A 4 21.13 -8.12 -27.22
C LYS A 4 19.93 -8.78 -26.55
N THR A 5 18.86 -8.03 -26.36
CA THR A 5 17.72 -8.54 -25.61
C THR A 5 16.67 -9.23 -26.51
N ASN A 6 15.75 -9.96 -25.87
CA ASN A 6 14.75 -10.72 -26.60
C ASN A 6 13.40 -10.04 -26.43
N PRO A 7 12.92 -9.33 -27.48
CA PRO A 7 11.68 -8.59 -27.35
C PRO A 7 10.45 -9.49 -27.38
N GLY A 8 10.66 -10.80 -27.60
CA GLY A 8 9.57 -11.74 -27.80
C GLY A 8 9.02 -11.58 -29.21
N ASN A 9 7.96 -12.31 -29.52
CA ASN A 9 7.32 -12.12 -30.81
C ASN A 9 6.09 -11.26 -30.64
N PHE A 10 5.84 -10.39 -31.61
CA PHE A 10 4.56 -9.70 -31.72
C PHE A 10 3.74 -10.42 -32.79
N PHE A 11 2.46 -10.07 -32.95
CA PHE A 11 1.59 -10.86 -33.83
C PHE A 11 2.13 -11.03 -35.24
N GLU A 12 2.58 -9.93 -35.85
CA GLU A 12 3.07 -9.94 -37.24
C GLU A 12 4.37 -10.73 -37.41
N ASP A 13 5.01 -11.06 -36.29
CA ASP A 13 6.26 -11.81 -36.30
C ASP A 13 6.06 -13.30 -36.53
N PHE A 14 4.85 -13.80 -36.28
CA PHE A 14 4.56 -15.22 -36.40
C PHE A 14 4.36 -15.68 -37.84
N ARG A 15 4.84 -16.87 -38.14
CA ARG A 15 4.63 -17.48 -39.45
C ARG A 15 3.94 -18.83 -39.31
N LEU A 16 2.86 -19.02 -40.07
CA LEU A 16 2.17 -20.30 -40.09
C LEU A 16 3.16 -21.44 -40.36
N GLY A 17 3.13 -22.46 -39.52
CA GLY A 17 4.00 -23.61 -39.68
C GLY A 17 5.39 -23.48 -39.05
N GLN A 18 5.73 -22.32 -38.50
CA GLN A 18 7.06 -22.19 -37.86
C GLN A 18 7.14 -22.98 -36.56
N THR A 19 8.28 -23.63 -36.35
CA THR A 19 8.57 -24.32 -35.10
C THR A 19 9.54 -23.49 -34.27
N ILE A 20 9.16 -23.21 -33.03
CA ILE A 20 10.01 -22.50 -32.10
C ILE A 20 10.54 -23.46 -31.03
N VAL A 21 11.87 -23.54 -30.92
CA VAL A 21 12.52 -24.34 -29.88
C VAL A 21 12.80 -23.42 -28.69
N HIS A 22 12.12 -23.64 -27.59
CA HIS A 22 12.23 -22.81 -26.43
C HIS A 22 13.46 -23.01 -25.60
N ALA A 23 13.87 -21.97 -24.93
CA ALA A 23 15.01 -22.01 -24.05
C ALA A 23 14.75 -22.69 -22.71
N THR A 24 15.80 -22.92 -21.98
CA THR A 24 15.70 -23.33 -20.60
C THR A 24 15.03 -24.63 -20.29
N PRO A 25 15.61 -25.71 -20.76
CA PRO A 25 15.19 -27.03 -20.36
C PRO A 25 15.34 -27.18 -18.86
N ARG A 26 14.42 -27.89 -18.25
CA ARG A 26 14.30 -27.87 -16.83
C ARG A 26 14.25 -29.23 -16.17
N THR A 27 15.24 -29.53 -15.34
CA THR A 27 15.24 -30.72 -14.51
C THR A 27 14.30 -30.50 -13.34
N ILE A 28 13.37 -31.42 -13.14
CA ILE A 28 12.39 -31.29 -12.08
C ILE A 28 12.81 -32.15 -10.89
N THR A 29 12.87 -31.53 -9.72
CA THR A 29 13.42 -32.23 -8.55
C THR A 29 12.45 -32.30 -7.39
N GLU A 30 12.87 -32.99 -6.33
CA GLU A 30 12.10 -33.07 -5.10
C GLU A 30 11.91 -31.71 -4.50
N GLY A 31 12.82 -30.79 -4.79
CA GLY A 31 12.62 -29.40 -4.30
C GLY A 31 11.43 -28.75 -4.97
N ASP A 32 11.24 -29.04 -6.26
CA ASP A 32 10.08 -28.53 -6.99
C ASP A 32 8.79 -29.13 -6.43
N VAL A 33 8.83 -30.43 -6.16
CA VAL A 33 7.67 -31.10 -5.57
C VAL A 33 7.24 -30.45 -4.26
N ALA A 34 8.20 -30.17 -3.36
CA ALA A 34 7.86 -29.64 -2.05
C ALA A 34 7.32 -28.21 -2.17
N LEU A 35 7.93 -27.41 -3.05
CA LEU A 35 7.46 -26.06 -3.29
C LEU A 35 6.03 -26.02 -3.79
N TYR A 36 5.73 -26.87 -4.77
CA TYR A 36 4.37 -26.99 -5.34
C TYR A 36 3.36 -27.38 -4.24
N THR A 37 3.72 -28.36 -3.41
CA THR A 37 2.89 -28.69 -2.23
C THR A 37 2.66 -27.45 -1.33
N SER A 38 3.70 -26.66 -1.10
CA SER A 38 3.65 -25.55 -0.14
C SER A 38 2.87 -24.37 -0.70
N LEU A 39 2.68 -24.39 -2.02
CA LEU A 39 2.02 -23.27 -2.68
C LEU A 39 0.53 -23.58 -2.91
N TYR A 40 0.18 -24.87 -3.08
CA TYR A 40 -1.24 -25.19 -3.33
C TYR A 40 -1.89 -26.08 -2.28
N GLY A 41 -1.08 -26.77 -1.48
CA GLY A 41 -1.62 -27.65 -0.44
C GLY A 41 -2.29 -28.91 -0.98
N SER A 42 -1.90 -29.36 -2.17
CA SER A 42 -2.58 -30.51 -2.75
C SER A 42 -2.41 -31.76 -1.86
N ARG A 43 -3.51 -32.43 -1.56
CA ARG A 43 -3.46 -33.62 -0.70
C ARG A 43 -3.61 -34.95 -1.45
N PHE A 44 -3.63 -34.92 -2.79
CA PHE A 44 -3.79 -36.16 -3.57
C PHE A 44 -2.69 -37.14 -3.24
N ALA A 45 -3.10 -38.37 -2.90
CA ALA A 45 -2.16 -39.33 -2.30
C ALA A 45 -1.04 -39.77 -3.24
N LEU A 46 -1.38 -39.83 -4.53
CA LEU A 46 -0.43 -40.27 -5.57
C LEU A 46 0.87 -39.42 -5.56
N THR A 47 0.74 -38.10 -5.42
CA THR A 47 1.92 -37.25 -5.49
C THR A 47 2.63 -37.09 -4.13
N SER A 48 1.93 -37.35 -3.02
CA SER A 48 2.48 -37.13 -1.66
C SER A 48 3.27 -38.29 -1.10
N SER A 49 3.03 -39.50 -1.60
CA SER A 49 3.64 -40.68 -1.03
C SER A 49 4.27 -41.63 -2.07
N THR A 50 5.57 -41.82 -1.98
CA THR A 50 6.27 -42.78 -2.82
C THR A 50 5.75 -44.20 -2.62
N PRO A 51 5.59 -44.67 -1.36
CA PRO A 51 5.04 -46.03 -1.23
C PRO A 51 3.61 -46.19 -1.80
N PHE A 52 2.77 -45.16 -1.67
CA PHE A 52 1.44 -45.20 -2.25
C PHE A 52 1.55 -45.34 -3.77
N ALA A 53 2.38 -44.50 -4.40
CA ALA A 53 2.59 -44.54 -5.84
C ALA A 53 3.16 -45.89 -6.29
N GLN A 54 4.10 -46.43 -5.51
CA GLN A 54 4.69 -47.73 -5.84
C GLN A 54 3.69 -48.89 -5.75
N SER A 55 2.74 -48.79 -4.83
CA SER A 55 1.70 -49.84 -4.72
C SER A 55 0.80 -49.84 -5.96
N LEU A 56 0.86 -48.76 -6.74
CA LEU A 56 0.12 -48.67 -7.99
C LEU A 56 1.00 -49.01 -9.19
N GLY A 57 2.23 -49.43 -8.91
CA GLY A 57 3.14 -49.91 -9.96
C GLY A 57 4.03 -48.83 -10.56
N LEU A 58 4.04 -47.63 -9.98
CA LEU A 58 4.93 -46.55 -10.43
C LEU A 58 6.30 -46.68 -9.77
N GLU A 59 7.32 -46.07 -10.33
CA GLU A 59 8.65 -46.11 -9.76
C GLU A 59 8.74 -45.43 -8.41
N ARG A 60 8.05 -44.32 -8.28
CA ARG A 60 8.04 -43.52 -7.09
C ARG A 60 6.95 -42.52 -7.32
N ALA A 61 6.72 -41.62 -6.39
CA ALA A 61 5.64 -40.67 -6.60
C ALA A 61 5.98 -39.85 -7.81
N PRO A 62 5.03 -39.72 -8.71
CA PRO A 62 5.24 -38.91 -9.92
C PRO A 62 5.06 -37.41 -9.64
N ILE A 63 5.62 -36.57 -10.50
CA ILE A 63 5.37 -35.14 -10.49
C ILE A 63 3.87 -34.87 -10.78
N ASP A 64 3.25 -33.95 -10.03
CA ASP A 64 1.90 -33.54 -10.30
C ASP A 64 1.74 -33.12 -11.78
N SER A 65 0.69 -33.64 -12.43
CA SER A 65 0.41 -33.32 -13.84
C SER A 65 0.35 -31.83 -14.08
N LEU A 66 -0.22 -31.08 -13.14
CA LEU A 66 -0.30 -29.64 -13.32
C LEU A 66 1.04 -28.92 -13.12
N LEU A 67 1.90 -29.46 -12.25
CA LEU A 67 3.28 -28.96 -12.15
C LEU A 67 4.01 -29.15 -13.50
N VAL A 68 3.87 -30.35 -14.09
CA VAL A 68 4.33 -30.61 -15.45
C VAL A 68 3.76 -29.57 -16.44
N PHE A 69 2.44 -29.38 -16.39
CA PHE A 69 1.79 -28.41 -17.27
C PHE A 69 2.36 -26.99 -17.17
N HIS A 70 2.45 -26.44 -15.96
CA HIS A 70 2.95 -25.07 -15.77
C HIS A 70 4.38 -24.87 -16.19
N ILE A 71 5.20 -25.89 -16.00
CA ILE A 71 6.59 -25.83 -16.45
C ILE A 71 6.70 -25.82 -17.99
N VAL A 72 5.99 -26.74 -18.66
CA VAL A 72 5.92 -26.78 -20.13
C VAL A 72 5.37 -25.44 -20.65
N PHE A 73 4.25 -24.99 -20.10
CA PHE A 73 3.66 -23.69 -20.44
C PHE A 73 4.64 -22.54 -20.22
N GLY A 74 5.26 -22.49 -19.04
CA GLY A 74 6.21 -21.43 -18.72
C GLY A 74 7.34 -21.25 -19.73
N LYS A 75 7.91 -22.36 -20.21
CA LYS A 75 8.97 -22.32 -21.23
C LYS A 75 8.54 -21.60 -22.51
N THR A 76 7.25 -21.66 -22.82
CA THR A 76 6.74 -21.11 -24.09
C THR A 76 6.48 -19.63 -23.97
N VAL A 77 6.35 -19.15 -22.73
CA VAL A 77 5.96 -17.75 -22.48
C VAL A 77 6.86 -16.69 -23.16
N PRO A 78 8.21 -16.80 -23.01
CA PRO A 78 9.09 -15.79 -23.64
C PRO A 78 8.82 -15.60 -25.15
N ASP A 79 8.54 -16.70 -25.86
CA ASP A 79 8.40 -16.68 -27.33
C ASP A 79 6.96 -16.55 -27.84
N ILE A 80 5.99 -16.95 -27.03
CA ILE A 80 4.60 -17.00 -27.48
C ILE A 80 3.74 -15.89 -26.88
N SER A 81 3.83 -15.70 -25.55
CA SER A 81 2.85 -14.85 -24.87
C SER A 81 3.44 -13.67 -24.13
N LEU A 82 4.74 -13.44 -24.28
CA LEU A 82 5.36 -12.25 -23.69
C LEU A 82 4.57 -10.97 -24.05
N ASN A 83 4.12 -10.87 -25.30
CA ASN A 83 3.37 -9.71 -25.77
C ASN A 83 1.86 -9.96 -25.96
N ALA A 84 1.34 -10.94 -25.23
CA ALA A 84 -0.08 -11.31 -25.31
C ALA A 84 -0.96 -10.46 -24.40
N ILE A 85 -2.19 -10.22 -24.85
CA ILE A 85 -3.23 -9.56 -24.03
C ILE A 85 -3.90 -10.62 -23.13
N ALA A 86 -4.17 -11.81 -23.68
CA ALA A 86 -4.84 -12.87 -22.94
C ALA A 86 -4.61 -14.22 -23.59
N ASN A 87 -4.65 -15.27 -22.79
CA ASN A 87 -4.79 -16.61 -23.32
C ASN A 87 -6.26 -16.84 -23.57
N LEU A 88 -6.58 -17.39 -24.73
CA LEU A 88 -7.99 -17.50 -25.11
C LEU A 88 -8.60 -18.89 -24.90
N GLY A 89 -7.77 -19.94 -24.91
CA GLY A 89 -8.26 -21.30 -24.68
C GLY A 89 -7.16 -22.33 -24.78
N TYR A 90 -7.51 -23.57 -24.43
CA TYR A 90 -6.63 -24.74 -24.56
C TYR A 90 -7.47 -25.82 -25.22
N ALA A 91 -6.81 -26.77 -25.88
CA ALA A 91 -7.50 -27.94 -26.42
C ALA A 91 -6.51 -29.05 -26.60
N GLY A 92 -7.02 -30.28 -26.57
CA GLY A 92 -6.21 -31.47 -26.89
C GLY A 92 -4.98 -31.58 -26.01
N GLY A 93 -5.14 -31.27 -24.72
CA GLY A 93 -4.05 -31.39 -23.76
C GLY A 93 -3.92 -32.82 -23.29
N ARG A 94 -3.01 -33.58 -23.91
CA ARG A 94 -2.85 -35.01 -23.62
C ARG A 94 -1.57 -35.23 -22.80
N PHE A 95 -1.71 -35.79 -21.59
CA PHE A 95 -0.53 -36.19 -20.79
C PHE A 95 0.00 -37.51 -21.31
N GLY A 96 1.32 -37.61 -21.45
CA GLY A 96 1.94 -38.78 -22.09
C GLY A 96 2.70 -39.59 -21.04
N ALA A 97 4.02 -39.73 -21.21
CA ALA A 97 4.82 -40.45 -20.22
C ALA A 97 4.80 -39.76 -18.86
N VAL A 98 4.80 -40.58 -17.81
CA VAL A 98 4.92 -40.11 -16.43
C VAL A 98 6.24 -39.35 -16.25
N VAL A 99 6.18 -38.28 -15.47
CA VAL A 99 7.35 -37.48 -15.11
C VAL A 99 7.72 -37.77 -13.65
N TYR A 100 8.99 -38.07 -13.40
CA TYR A 100 9.51 -38.33 -12.06
C TYR A 100 10.57 -37.29 -11.68
N PRO A 101 10.81 -37.06 -10.36
CA PRO A 101 11.96 -36.24 -9.95
C PRO A 101 13.22 -36.71 -10.66
N GLY A 102 14.02 -35.77 -11.17
CA GLY A 102 15.24 -36.10 -11.91
C GLY A 102 15.08 -36.04 -13.40
N ASP A 103 13.84 -36.05 -13.89
CA ASP A 103 13.57 -35.92 -15.33
C ASP A 103 13.75 -34.49 -15.79
N THR A 104 14.12 -34.32 -17.06
CA THR A 104 14.32 -33.01 -17.64
C THR A 104 13.40 -32.75 -18.83
N LEU A 105 12.67 -31.64 -18.77
CA LEU A 105 11.70 -31.30 -19.80
C LEU A 105 12.21 -30.17 -20.70
N SER A 106 12.00 -30.35 -22.00
CA SER A 106 12.17 -29.26 -22.97
C SER A 106 10.91 -29.13 -23.82
N THR A 107 10.68 -27.93 -24.33
CA THR A 107 9.43 -27.61 -24.99
C THR A 107 9.69 -26.99 -26.37
N THR A 108 8.84 -27.34 -27.33
CA THR A 108 8.85 -26.70 -28.63
C THR A 108 7.41 -26.36 -28.94
N SER A 109 7.21 -25.28 -29.70
CA SER A 109 5.88 -24.87 -30.15
C SER A 109 5.85 -24.69 -31.66
N LYS A 110 4.73 -25.11 -32.27
CA LYS A 110 4.50 -24.89 -33.68
C LYS A 110 3.30 -23.98 -33.88
N VAL A 111 3.42 -22.99 -34.77
CA VAL A 111 2.29 -22.15 -35.12
C VAL A 111 1.38 -22.90 -36.09
N ILE A 112 0.13 -23.11 -35.68
CA ILE A 112 -0.84 -23.86 -36.46
C ILE A 112 -2.04 -23.02 -36.85
N GLY A 113 -2.02 -21.75 -36.45
CA GLY A 113 -3.12 -20.84 -36.77
C GLY A 113 -2.80 -19.39 -36.52
N LEU A 114 -3.34 -18.53 -37.38
CA LEU A 114 -3.23 -17.08 -37.24
C LEU A 114 -4.52 -16.41 -37.69
N ARG A 115 -4.97 -15.41 -36.93
CA ARG A 115 -6.09 -14.57 -37.37
C ARG A 115 -5.97 -13.17 -36.76
N GLN A 116 -5.68 -12.19 -37.61
CA GLN A 116 -5.63 -10.80 -37.18
C GLN A 116 -7.03 -10.39 -36.72
N ASN A 117 -7.11 -9.69 -35.60
CA ASN A 117 -8.39 -9.20 -35.11
C ASN A 117 -8.97 -8.09 -35.98
N LYS A 118 -10.28 -7.90 -35.91
CA LYS A 118 -10.98 -6.95 -36.76
C LYS A 118 -10.53 -5.50 -36.58
N ASP A 119 -10.17 -5.11 -35.35
CA ASP A 119 -9.67 -3.75 -35.10
C ASP A 119 -8.24 -3.53 -35.62
N GLY A 120 -7.61 -4.60 -36.08
CA GLY A 120 -6.25 -4.54 -36.65
C GLY A 120 -5.12 -4.22 -35.67
N LYS A 121 -5.43 -4.16 -34.38
CA LYS A 121 -4.45 -3.82 -33.34
C LYS A 121 -3.83 -5.06 -32.68
N THR A 122 -4.53 -6.18 -32.77
CA THR A 122 -4.08 -7.44 -32.20
C THR A 122 -4.39 -8.59 -33.17
N GLY A 123 -3.92 -9.79 -32.80
CA GLY A 123 -4.22 -10.99 -33.56
C GLY A 123 -4.16 -12.24 -32.69
N VAL A 124 -4.81 -13.29 -33.15
CA VAL A 124 -4.86 -14.56 -32.45
C VAL A 124 -3.87 -15.53 -33.08
N VAL A 125 -3.02 -16.13 -32.25
CA VAL A 125 -2.08 -17.15 -32.73
C VAL A 125 -2.37 -18.47 -32.02
N TYR A 126 -2.46 -19.53 -32.80
CA TYR A 126 -2.71 -20.88 -32.28
C TYR A 126 -1.39 -21.59 -32.34
N VAL A 127 -1.01 -22.20 -31.21
CA VAL A 127 0.23 -22.99 -31.13
C VAL A 127 -0.02 -24.42 -30.65
N HIS A 128 0.75 -25.37 -31.19
CA HIS A 128 0.81 -26.71 -30.66
C HIS A 128 2.10 -26.79 -29.90
N SER A 129 2.01 -26.87 -28.56
CA SER A 129 3.22 -26.99 -27.71
C SER A 129 3.42 -28.44 -27.23
N VAL A 130 4.67 -28.90 -27.28
CA VAL A 130 5.01 -30.28 -26.99
C VAL A 130 6.18 -30.31 -26.00
N GLY A 131 5.98 -30.98 -24.86
CA GLY A 131 7.04 -31.13 -23.86
C GLY A 131 7.52 -32.55 -23.91
N VAL A 132 8.84 -32.76 -23.97
CA VAL A 132 9.43 -34.09 -23.99
C VAL A 132 10.38 -34.25 -22.81
N ASN A 133 10.64 -35.48 -22.41
CA ASN A 133 11.62 -35.67 -21.34
C ASN A 133 13.00 -35.91 -21.98
N GLN A 134 13.97 -36.27 -21.14
CA GLN A 134 15.36 -36.47 -21.57
C GLN A 134 15.53 -37.67 -22.51
N TRP A 135 14.47 -38.49 -22.62
CA TRP A 135 14.47 -39.67 -23.52
C TRP A 135 13.73 -39.38 -24.79
N ASP A 136 13.37 -38.11 -24.98
CA ASP A 136 12.57 -37.65 -26.11
C ASP A 136 11.16 -38.23 -26.13
N GLU A 137 10.65 -38.68 -24.98
CA GLU A 137 9.24 -39.10 -24.88
C GLU A 137 8.37 -37.88 -24.57
N VAL A 138 7.24 -37.77 -25.26
CA VAL A 138 6.28 -36.70 -25.01
C VAL A 138 5.62 -36.95 -23.65
N VAL A 139 5.67 -35.94 -22.78
CA VAL A 139 5.05 -36.03 -21.46
C VAL A 139 3.77 -35.20 -21.47
N LEU A 140 3.70 -34.27 -22.42
CA LEU A 140 2.53 -33.42 -22.57
C LEU A 140 2.55 -32.75 -23.93
N GLU A 141 1.39 -32.74 -24.58
CA GLU A 141 1.15 -31.87 -25.73
C GLU A 141 -0.22 -31.20 -25.58
N TYR A 142 -0.36 -29.99 -26.11
CA TYR A 142 -1.63 -29.29 -26.07
C TYR A 142 -1.64 -28.18 -27.12
N ILE A 143 -2.82 -27.65 -27.37
CA ILE A 143 -2.98 -26.49 -28.23
C ILE A 143 -3.46 -25.37 -27.33
N ARG A 144 -2.91 -24.17 -27.53
CA ARG A 144 -3.48 -23.00 -26.88
C ARG A 144 -3.50 -21.88 -27.89
N TRP A 145 -4.37 -20.91 -27.65
CA TRP A 145 -4.39 -19.73 -28.50
C TRP A 145 -4.43 -18.50 -27.66
N VAL A 146 -3.75 -17.47 -28.14
CA VAL A 146 -3.48 -16.24 -27.38
C VAL A 146 -3.75 -15.03 -28.25
N VAL A 148 -2.43 -11.63 -29.20
CA VAL A 148 -1.12 -10.98 -29.13
C VAL A 148 -1.13 -9.59 -29.78
N ARG A 149 -0.47 -8.64 -29.13
CA ARG A 149 -0.30 -7.30 -29.67
C ARG A 149 0.47 -7.31 -30.99
N LYS A 150 0.03 -6.44 -31.89
CA LYS A 150 0.84 -6.09 -33.04
C LYS A 150 1.77 -4.97 -32.59
N ARG A 151 3.03 -5.05 -33.00
CA ARG A 151 3.97 -3.96 -32.74
C ARG A 151 3.60 -2.77 -33.61
N ASP A 152 3.39 -3.04 -34.90
CA ASP A 152 2.99 -2.00 -35.85
C ASP A 152 1.57 -2.24 -36.34
N PRO A 153 0.61 -1.40 -35.90
CA PRO A 153 -0.79 -1.53 -36.34
C PRO A 153 -0.93 -1.65 -37.87
N ASN A 154 -0.02 -1.02 -38.61
CA ASN A 154 -0.08 -1.01 -40.08
C ASN A 154 0.48 -2.24 -40.80
N ALA A 155 1.22 -3.09 -40.08
CA ALA A 155 1.78 -4.30 -40.69
C ALA A 155 0.68 -5.11 -41.38
N PRO A 156 0.97 -5.68 -42.57
CA PRO A 156 -0.05 -6.47 -43.28
C PRO A 156 -0.53 -7.68 -42.45
N ALA A 157 -1.82 -7.99 -42.57
CA ALA A 157 -2.41 -9.15 -41.93
C ALA A 157 -1.90 -10.42 -42.59
N PRO A 158 -1.67 -11.50 -41.80
CA PRO A 158 -1.40 -12.78 -42.42
C PRO A 158 -2.70 -13.35 -42.98
N GLU A 159 -2.61 -14.33 -43.87
CA GLU A 159 -3.79 -15.04 -44.30
C GLU A 159 -4.37 -15.75 -43.08
N THR A 160 -5.68 -15.65 -42.90
CA THR A 160 -6.34 -16.31 -41.77
C THR A 160 -6.30 -17.84 -41.94
N VAL A 161 -5.72 -18.53 -40.96
CA VAL A 161 -5.80 -19.98 -40.87
C VAL A 161 -6.15 -20.34 -39.44
N VAL A 162 -7.32 -20.95 -39.26
CA VAL A 162 -7.79 -21.37 -37.94
C VAL A 162 -7.91 -22.88 -37.92
N PRO A 163 -7.18 -23.55 -37.01
CA PRO A 163 -7.22 -25.01 -37.04
C PRO A 163 -8.54 -25.55 -36.46
N ASP A 164 -8.90 -26.78 -36.84
CA ASP A 164 -9.99 -27.48 -36.17
C ASP A 164 -9.47 -27.86 -34.79
N LEU A 165 -10.29 -27.64 -33.77
CA LEU A 165 -9.89 -27.89 -32.38
C LEU A 165 -10.69 -29.06 -31.82
N PRO A 166 -10.00 -30.05 -31.23
CA PRO A 166 -10.76 -31.15 -30.64
C PRO A 166 -11.56 -30.67 -29.43
N ASP A 167 -12.77 -31.19 -29.23
CA ASP A 167 -13.58 -30.81 -28.08
C ASP A 167 -12.98 -31.39 -26.78
N SER A 168 -12.34 -32.56 -26.89
CA SER A 168 -11.76 -33.23 -25.74
C SER A 168 -10.67 -34.16 -26.25
N VAL A 169 -9.78 -34.58 -25.37
CA VAL A 169 -8.85 -35.66 -25.68
C VAL A 169 -9.66 -36.97 -25.62
N PRO A 170 -9.68 -37.76 -26.73
CA PRO A 170 -10.46 -39.01 -26.71
C PRO A 170 -9.96 -39.99 -25.65
N VAL A 171 -10.90 -40.71 -25.04
CA VAL A 171 -10.58 -41.67 -23.99
C VAL A 171 -9.57 -42.73 -24.51
N THR A 172 -9.60 -42.99 -25.81
CA THR A 172 -8.66 -43.94 -26.43
C THR A 172 -7.25 -43.38 -26.52
N ASP A 173 -7.08 -42.07 -26.31
CA ASP A 173 -5.76 -41.42 -26.32
C ASP A 173 -5.13 -41.24 -24.92
N LEU A 174 -5.89 -41.55 -23.87
CA LEU A 174 -5.42 -41.32 -22.51
C LEU A 174 -4.36 -42.32 -22.09
N THR A 175 -3.28 -41.83 -21.47
CA THR A 175 -2.29 -42.71 -20.84
C THR A 175 -2.78 -43.08 -19.45
N VAL A 176 -2.73 -44.38 -19.13
CA VAL A 176 -3.15 -44.89 -17.81
C VAL A 176 -1.94 -45.63 -17.23
N PRO A 177 -1.02 -44.88 -16.60
CA PRO A 177 0.35 -45.36 -16.31
C PRO A 177 0.48 -46.17 -15.04
N TYR A 178 -0.60 -46.32 -14.30
CA TYR A 178 -0.57 -47.13 -13.08
C TYR A 178 -1.73 -48.11 -13.04
N THR A 179 -1.70 -49.00 -12.06
CA THR A 179 -2.69 -50.06 -11.96
C THR A 179 -3.21 -50.14 -10.54
N VAL A 180 -4.50 -50.39 -10.40
CA VAL A 180 -5.14 -50.45 -9.09
C VAL A 180 -5.69 -51.84 -8.84
N SER A 181 -5.47 -52.39 -7.66
CA SER A 181 -6.30 -53.52 -7.22
C SER A 181 -6.87 -53.21 -5.86
N ALA A 182 -8.11 -53.63 -5.64
CA ALA A 182 -8.78 -53.51 -4.35
C ALA A 182 -7.88 -54.02 -3.22
N ALA A 183 -7.21 -55.14 -3.48
CA ALA A 183 -6.35 -55.79 -2.50
C ALA A 183 -5.16 -54.92 -2.07
N ASN A 184 -4.98 -53.80 -2.76
CA ASN A 184 -3.77 -53.01 -2.64
C ASN A 184 -4.05 -51.51 -2.64
N TYR A 185 -5.32 -51.13 -2.47
CA TYR A 185 -5.70 -49.71 -2.48
C TYR A 185 -6.28 -49.25 -1.15
N ASN A 186 -5.50 -48.47 -0.40
CA ASN A 186 -5.93 -48.00 0.90
C ASN A 186 -6.83 -46.77 0.78
N LEU A 187 -8.13 -46.97 0.96
CA LEU A 187 -9.12 -45.90 0.87
C LEU A 187 -8.95 -44.81 1.92
N ALA A 188 -8.60 -45.20 3.14
CA ALA A 188 -8.37 -44.23 4.22
C ALA A 188 -7.19 -43.33 3.86
N HIS A 189 -6.12 -43.92 3.33
CA HIS A 189 -4.98 -43.12 2.89
C HIS A 189 -5.32 -42.21 1.73
N ALA A 190 -6.13 -42.71 0.77
CA ALA A 190 -6.50 -41.89 -0.37
C ALA A 190 -7.36 -40.71 0.08
N GLY A 191 -8.26 -40.96 1.03
CA GLY A 191 -9.06 -39.89 1.61
C GLY A 191 -10.54 -39.94 1.30
N SER A 192 -11.00 -40.99 0.61
CA SER A 192 -12.43 -41.11 0.34
C SER A 192 -12.82 -42.55 0.07
N ASN A 193 -14.07 -42.88 0.42
CA ASN A 193 -14.67 -44.16 0.07
C ASN A 193 -15.32 -44.16 -1.30
N TYR A 194 -15.56 -42.96 -1.85
CA TYR A 194 -16.20 -42.80 -3.15
C TYR A 194 -15.28 -43.13 -4.31
N LEU A 195 -15.68 -44.12 -5.09
CA LEU A 195 -14.91 -44.55 -6.27
C LEU A 195 -15.64 -44.16 -7.56
N TRP A 196 -15.06 -44.52 -8.70
CA TRP A 196 -15.59 -44.17 -10.02
C TRP A 196 -17.05 -44.53 -10.14
N ASP A 197 -17.39 -45.73 -9.69
CA ASP A 197 -18.76 -46.24 -9.74
C ASP A 197 -19.76 -45.36 -9.00
N ASP A 198 -19.31 -44.60 -8.00
CA ASP A 198 -20.22 -43.91 -7.09
C ASP A 198 -20.58 -42.48 -7.51
N TYR A 199 -19.85 -41.95 -8.49
CA TYR A 199 -20.12 -40.60 -8.97
C TYR A 199 -21.27 -40.61 -9.98
N GLU A 200 -22.13 -39.60 -9.93
CA GLU A 200 -23.29 -39.50 -10.78
C GLU A 200 -23.08 -38.42 -11.83
N VAL A 201 -23.24 -38.79 -13.10
CA VAL A 201 -23.09 -37.85 -14.21
C VAL A 201 -24.11 -36.72 -14.02
N GLY A 202 -23.65 -35.50 -14.09
CA GLY A 202 -24.47 -34.35 -13.83
C GLY A 202 -24.48 -33.84 -12.41
N GLU A 203 -23.91 -34.59 -11.50
CA GLU A 203 -23.86 -34.15 -10.14
C GLU A 203 -22.90 -33.00 -9.97
N LYS A 204 -23.23 -32.12 -9.05
CA LYS A 204 -22.42 -30.97 -8.74
C LYS A 204 -21.88 -31.07 -7.34
N ILE A 205 -20.63 -30.69 -7.18
CA ILE A 205 -19.90 -30.83 -5.92
C ILE A 205 -19.33 -29.50 -5.44
N ASP A 206 -19.78 -29.04 -4.29
CA ASP A 206 -19.27 -27.81 -3.67
C ASP A 206 -18.03 -28.18 -2.87
N HIS A 207 -16.86 -27.66 -3.25
CA HIS A 207 -15.61 -28.00 -2.55
C HIS A 207 -15.40 -27.28 -1.23
N VAL A 208 -16.31 -26.34 -0.94
CA VAL A 208 -16.43 -25.69 0.37
C VAL A 208 -15.31 -24.69 0.70
N ASP A 209 -14.06 -25.16 0.75
CA ASP A 209 -12.97 -24.31 1.22
C ASP A 209 -12.68 -23.10 0.31
N GLY A 210 -12.28 -22.00 0.93
CA GLY A 210 -11.78 -20.83 0.19
C GLY A 210 -10.37 -20.49 0.63
N VAL A 211 -9.52 -20.09 -0.33
CA VAL A 211 -8.13 -19.72 -0.02
C VAL A 211 -7.75 -18.37 -0.63
N THR A 212 -7.11 -17.54 0.18
CA THR A 212 -6.75 -16.19 -0.25
C THR A 212 -5.36 -16.17 -0.89
N ILE A 213 -5.26 -15.51 -2.04
CA ILE A 213 -4.01 -15.36 -2.79
C ILE A 213 -3.16 -14.23 -2.24
N GLU A 214 -1.89 -14.53 -1.96
CA GLU A 214 -0.92 -13.49 -1.55
C GLU A 214 -0.02 -13.15 -2.74
N GLU A 215 0.51 -11.93 -2.80
CA GLU A 215 1.43 -11.55 -3.90
C GLU A 215 2.65 -12.48 -3.98
N ALA A 216 3.28 -12.73 -2.83
CA ALA A 216 4.51 -13.51 -2.77
C ALA A 216 4.21 -14.92 -3.25
N GLU A 217 2.98 -15.36 -2.99
CA GLU A 217 2.57 -16.72 -3.32
C GLU A 217 2.48 -16.96 -4.83
N HIS A 218 1.74 -16.13 -5.55
CA HIS A 218 1.64 -16.35 -7.02
C HIS A 218 2.94 -16.03 -7.75
N GLN A 220 5.90 -16.46 -6.52
CA GLN A 220 6.80 -17.60 -6.27
C GLN A 220 6.50 -18.83 -7.15
N ALA A 221 5.21 -19.13 -7.35
CA ALA A 221 4.79 -20.21 -8.23
C ALA A 221 5.22 -19.87 -9.65
N THR A 222 4.97 -18.63 -10.06
CA THR A 222 5.28 -18.20 -11.45
C THR A 222 6.80 -18.30 -11.75
N ARG A 223 7.63 -17.95 -10.76
CA ARG A 223 9.10 -18.10 -10.88
C ARG A 223 9.54 -19.55 -10.90
N LEU A 224 8.84 -20.39 -10.14
CA LEU A 224 9.14 -21.83 -10.13
C LEU A 224 8.98 -22.37 -11.55
N TYR A 225 7.98 -21.82 -12.27
CA TYR A 225 7.67 -22.21 -13.63
C TYR A 225 8.60 -21.53 -14.65
N GLN A 226 9.45 -20.60 -14.17
CA GLN A 226 10.31 -19.78 -15.04
C GLN A 226 9.45 -19.11 -16.14
N ASN A 227 8.28 -18.66 -15.69
CA ASN A 227 7.30 -17.97 -16.51
C ASN A 227 7.57 -16.49 -16.28
N THR A 228 7.82 -15.75 -17.37
CA THR A 228 8.32 -14.38 -17.24
C THR A 228 7.30 -13.28 -17.55
N ALA A 229 6.02 -13.62 -17.79
CA ALA A 229 5.04 -12.62 -18.22
C ALA A 229 5.03 -11.48 -17.20
N ARG A 230 5.05 -10.27 -17.71
CA ARG A 230 5.38 -9.08 -16.90
C ARG A 230 4.21 -8.56 -16.05
N VAL A 231 2.98 -8.85 -16.46
CA VAL A 231 1.79 -8.50 -15.66
C VAL A 231 1.79 -9.16 -14.27
N HIS A 232 2.51 -10.28 -14.11
CA HIS A 232 2.57 -10.96 -12.82
C HIS A 232 3.51 -10.30 -11.82
N PHE A 233 4.50 -9.55 -12.32
CA PHE A 233 5.66 -9.19 -11.49
C PHE A 233 5.83 -7.74 -11.14
N ASN A 234 5.35 -6.86 -12.02
CA ASN A 234 5.77 -5.46 -12.04
C ASN A 234 4.69 -4.51 -11.56
N LEU A 235 4.75 -4.19 -10.28
CA LEU A 235 3.79 -3.27 -9.68
C LEU A 235 4.00 -1.86 -10.19
N HIS A 236 5.26 -1.48 -10.41
CA HIS A 236 5.61 -0.16 -10.95
C HIS A 236 4.85 0.11 -12.22
N VAL A 237 4.77 -0.90 -13.09
CA VAL A 237 4.00 -0.77 -14.35
C VAL A 237 2.52 -1.04 -14.13
N GLU A 238 2.22 -2.15 -13.46
CA GLU A 238 0.83 -2.60 -13.37
C GLU A 238 -0.03 -1.64 -12.56
N ARG A 239 0.60 -0.89 -11.68
CA ARG A 239 -0.11 0.05 -10.84
C ARG A 239 -0.69 1.15 -11.68
N GLU A 240 -0.08 1.42 -12.81
CA GLU A 240 -0.61 2.44 -13.72
C GLU A 240 -1.68 1.85 -14.63
N GLY A 241 -1.72 0.52 -14.76
CA GLY A 241 -2.72 -0.16 -15.60
C GLY A 241 -4.15 -0.02 -15.09
N ARG A 242 -5.11 -0.55 -15.86
CA ARG A 242 -6.55 -0.39 -15.53
C ARG A 242 -6.94 -1.02 -14.18
N PHE A 243 -6.46 -2.25 -13.98
CA PHE A 243 -6.70 -3.00 -12.74
C PHE A 243 -5.90 -2.41 -11.60
N GLY A 244 -4.77 -1.80 -11.94
CA GLY A 244 -3.93 -1.12 -10.98
C GLY A 244 -3.21 -2.06 -10.03
N ARG A 245 -3.02 -3.32 -10.46
CA ARG A 245 -2.37 -4.30 -9.63
C ARG A 245 -1.92 -5.45 -10.51
N ARG A 246 -0.94 -6.20 -10.03
CA ARG A 246 -0.43 -7.37 -10.75
C ARG A 246 -1.54 -8.41 -10.93
N ILE A 247 -1.46 -9.16 -12.02
CA ILE A 247 -2.46 -10.16 -12.37
C ILE A 247 -1.89 -11.53 -12.06
N VAL A 248 -2.70 -12.35 -11.40
CA VAL A 248 -2.28 -13.71 -11.05
C VAL A 248 -2.28 -14.58 -12.29
N TYR A 249 -1.18 -15.31 -12.49
CA TYR A 249 -1.09 -16.31 -13.51
C TYR A 249 -2.34 -17.20 -13.48
N GLY A 250 -3.05 -17.27 -14.61
CA GLY A 250 -4.25 -18.11 -14.73
C GLY A 250 -4.04 -19.56 -14.28
N GLY A 251 -2.88 -20.13 -14.60
CA GLY A 251 -2.58 -21.50 -14.20
C GLY A 251 -2.46 -21.68 -12.68
N HIS A 252 -2.13 -20.61 -11.97
CA HIS A 252 -2.14 -20.63 -10.50
C HIS A 252 -3.55 -20.92 -10.01
N ILE A 253 -4.54 -20.33 -10.68
CA ILE A 253 -5.94 -20.59 -10.33
C ILE A 253 -6.36 -22.03 -10.63
N ILE A 254 -5.87 -22.56 -11.74
CA ILE A 254 -6.12 -23.97 -12.08
C ILE A 254 -5.58 -24.87 -10.95
N SER A 255 -4.37 -24.56 -10.50
CA SER A 255 -3.73 -25.40 -9.50
C SER A 255 -4.40 -25.32 -8.12
N LEU A 256 -4.87 -24.13 -7.76
CA LEU A 256 -5.65 -23.99 -6.56
C LEU A 256 -6.98 -24.77 -6.62
N ALA A 257 -7.70 -24.62 -7.75
CA ALA A 257 -8.97 -25.30 -7.94
C ALA A 257 -8.80 -26.81 -7.82
N ARG A 258 -7.75 -27.33 -8.45
CA ARG A 258 -7.47 -28.75 -8.37
C ARG A 258 -7.23 -29.16 -6.91
N SER A 259 -6.41 -28.38 -6.20
CA SER A 259 -6.15 -28.66 -4.79
C SER A 259 -7.45 -28.66 -3.98
N LEU A 260 -8.26 -27.61 -4.11
CA LEU A 260 -9.55 -27.54 -3.42
C LEU A 260 -10.49 -28.71 -3.78
N SER A 261 -10.44 -29.15 -5.04
CA SER A 261 -11.26 -30.27 -5.49
C SER A 261 -11.03 -31.57 -4.70
N PHE A 262 -9.88 -31.68 -4.01
CA PHE A 262 -9.61 -32.85 -3.14
C PHE A 262 -10.78 -33.11 -2.18
N ASN A 263 -11.41 -32.03 -1.71
CA ASN A 263 -12.61 -32.14 -0.91
C ASN A 263 -13.78 -32.47 -1.84
N GLY A 264 -13.94 -33.76 -2.14
CA GLY A 264 -15.07 -34.23 -2.95
C GLY A 264 -14.65 -35.04 -4.16
N LEU A 265 -13.38 -34.93 -4.55
CA LEU A 265 -12.83 -35.72 -5.64
C LEU A 265 -11.49 -36.38 -5.26
N ALA A 266 -11.36 -36.80 -4.01
CA ALA A 266 -10.10 -37.34 -3.48
C ALA A 266 -9.52 -38.51 -4.29
N ASN A 267 -10.39 -39.37 -4.84
CA ASN A 267 -9.88 -40.52 -5.60
C ASN A 267 -9.59 -40.22 -7.08
N ALA A 268 -9.80 -38.96 -7.48
CA ALA A 268 -9.39 -38.51 -8.82
C ALA A 268 -7.87 -38.35 -8.80
N LEU A 269 -7.18 -39.48 -8.90
CA LEU A 269 -5.76 -39.53 -8.52
C LEU A 269 -4.84 -38.67 -9.36
N SER A 270 -5.18 -38.50 -10.64
CA SER A 270 -4.34 -37.69 -11.54
C SER A 270 -5.17 -37.18 -12.68
N ILE A 271 -4.69 -36.10 -13.28
CA ILE A 271 -5.30 -35.51 -14.46
C ILE A 271 -4.64 -36.11 -15.69
N ALA A 272 -5.47 -36.68 -16.57
CA ALA A 272 -4.94 -37.35 -17.75
C ALA A 272 -5.09 -36.51 -19.02
N ALA A 273 -5.98 -35.52 -18.98
CA ALA A 273 -6.17 -34.63 -20.11
C ALA A 273 -6.76 -33.30 -19.69
N ILE A 274 -6.43 -32.26 -20.44
CA ILE A 274 -7.12 -30.97 -20.36
C ILE A 274 -7.90 -30.77 -21.67
N ASN A 275 -9.21 -30.59 -21.56
CA ASN A 275 -10.09 -30.47 -22.73
C ASN A 275 -10.33 -29.01 -23.12
N SER A 276 -10.51 -28.17 -22.12
CA SER A 276 -10.61 -26.73 -22.38
C SER A 276 -10.41 -26.00 -21.08
N GLY A 277 -10.16 -24.70 -21.18
CA GLY A 277 -9.84 -23.89 -20.02
C GLY A 277 -10.03 -22.45 -20.44
N ARG A 278 -10.85 -21.74 -19.68
CA ARG A 278 -11.05 -20.33 -19.90
C ARG A 278 -10.80 -19.58 -18.61
N HIS A 279 -9.91 -18.58 -18.67
CA HIS A 279 -9.69 -17.65 -17.56
C HIS A 279 -10.65 -16.52 -17.77
N THR A 280 -11.84 -16.65 -17.20
CA THR A 280 -12.99 -15.84 -17.56
C THR A 280 -12.93 -14.41 -17.03
N ASN A 281 -12.31 -14.24 -15.87
CA ASN A 281 -12.05 -12.92 -15.29
C ASN A 281 -10.68 -12.98 -14.62
N PRO A 282 -10.00 -11.82 -14.50
CA PRO A 282 -8.67 -11.80 -13.87
C PRO A 282 -8.78 -12.03 -12.36
N SER A 283 -7.72 -12.56 -11.78
CA SER A 283 -7.63 -12.84 -10.35
C SER A 283 -6.47 -12.02 -9.81
N PHE A 284 -6.55 -11.63 -8.54
CA PHE A 284 -5.60 -10.71 -7.94
C PHE A 284 -5.28 -11.16 -6.53
N ALA A 285 -4.09 -10.77 -6.02
CA ALA A 285 -3.76 -11.00 -4.60
C ALA A 285 -4.84 -10.36 -3.77
N GLY A 286 -5.26 -11.02 -2.69
CA GLY A 286 -6.39 -10.53 -1.90
C GLY A 286 -7.73 -11.16 -2.25
N ASP A 287 -7.82 -11.77 -3.44
CA ASP A 287 -9.00 -12.52 -3.79
C ASP A 287 -9.01 -13.86 -3.08
N THR A 288 -10.17 -14.27 -2.60
CA THR A 288 -10.30 -15.64 -2.05
C THR A 288 -10.95 -16.59 -3.07
N ILE A 289 -10.24 -17.68 -3.40
CA ILE A 289 -10.67 -18.58 -4.44
C ILE A 289 -11.46 -19.75 -3.84
N TYR A 290 -12.64 -20.00 -4.41
CA TYR A 290 -13.46 -21.18 -4.09
C TYR A 290 -13.64 -21.98 -5.37
N ALA A 291 -14.08 -23.22 -5.24
CA ALA A 291 -14.28 -24.07 -6.40
C ALA A 291 -15.50 -24.97 -6.25
N TRP A 292 -16.12 -25.28 -7.38
CA TRP A 292 -17.10 -26.35 -7.46
C TRP A 292 -16.92 -27.13 -8.74
N SER A 293 -17.34 -28.38 -8.75
CA SER A 293 -17.19 -29.23 -9.92
C SER A 293 -18.47 -29.90 -10.36
N GLU A 294 -18.56 -30.18 -11.66
CA GLU A 294 -19.66 -30.98 -12.20
C GLU A 294 -19.07 -32.21 -12.86
N ILE A 295 -19.70 -33.38 -12.69
CA ILE A 295 -19.31 -34.54 -13.46
C ILE A 295 -20.02 -34.42 -14.82
N LEU A 296 -19.28 -34.00 -15.85
CA LEU A 296 -19.82 -33.86 -17.22
C LEU A 296 -20.11 -35.21 -17.85
N ALA A 297 -19.26 -36.19 -17.57
CA ALA A 297 -19.34 -37.49 -18.22
C ALA A 297 -18.54 -38.51 -17.46
N LYS A 298 -18.92 -39.77 -17.67
CA LYS A 298 -18.20 -40.90 -17.11
C LYS A 298 -17.92 -41.86 -18.26
N ALA A 300 -15.69 -45.45 -19.66
CA ALA A 300 -14.82 -46.61 -19.45
C ALA A 300 -13.50 -46.41 -20.17
N ILE A 301 -12.44 -47.00 -19.64
CA ILE A 301 -11.15 -46.98 -20.30
C ILE A 301 -11.05 -48.28 -21.06
N PRO A 302 -10.82 -48.21 -22.39
CA PRO A 302 -10.70 -49.39 -23.22
C PRO A 302 -9.66 -50.34 -22.66
N GLY A 303 -10.03 -51.61 -22.51
CA GLY A 303 -9.10 -52.65 -22.06
C GLY A 303 -8.87 -52.73 -20.56
N ARG A 304 -9.51 -51.84 -19.78
CA ARG A 304 -9.28 -51.73 -18.33
C ARG A 304 -10.57 -51.72 -17.54
N THR A 305 -10.61 -52.42 -16.41
CA THR A 305 -11.75 -52.33 -15.49
C THR A 305 -11.36 -51.86 -14.08
N ASP A 306 -10.07 -51.64 -13.84
CA ASP A 306 -9.56 -51.23 -12.50
C ASP A 306 -9.62 -49.71 -12.28
N ILE A 307 -9.63 -48.96 -13.39
CA ILE A 307 -9.62 -47.52 -13.42
C ILE A 307 -10.58 -47.04 -14.50
N GLY A 308 -11.29 -45.96 -14.22
CA GLY A 308 -12.19 -45.33 -15.18
C GLY A 308 -11.87 -43.84 -15.32
N ALA A 309 -12.48 -43.20 -16.30
CA ALA A 309 -12.31 -41.78 -16.50
C ALA A 309 -13.55 -41.01 -16.14
N LEU A 310 -13.36 -39.80 -15.62
CA LEU A 310 -14.45 -38.84 -15.46
C LEU A 310 -14.05 -37.56 -16.15
N ARG A 311 -14.98 -37.03 -16.93
CA ARG A 311 -14.78 -35.71 -17.50
C ARG A 311 -15.40 -34.75 -16.50
N VAL A 312 -14.58 -33.80 -16.04
CA VAL A 312 -14.96 -32.91 -14.95
C VAL A 312 -14.85 -31.47 -15.42
N ARG A 313 -15.85 -30.66 -15.05
CA ARG A 313 -15.71 -29.21 -15.11
C ARG A 313 -15.51 -28.70 -13.69
N THR A 314 -14.37 -28.04 -13.45
CA THR A 314 -14.22 -27.31 -12.19
C THR A 314 -14.28 -25.82 -12.48
N VAL A 315 -15.14 -25.13 -11.74
CA VAL A 315 -15.32 -23.70 -11.89
C VAL A 315 -14.77 -23.03 -10.64
N ALA A 316 -13.84 -22.08 -10.81
CA ALA A 316 -13.33 -21.31 -9.66
C ALA A 316 -14.00 -19.95 -9.61
N THR A 317 -14.30 -19.50 -8.41
CA THR A 317 -14.91 -18.22 -8.21
C THR A 317 -14.13 -17.45 -7.19
N LYS A 318 -14.29 -16.14 -7.17
CA LYS A 318 -13.69 -15.36 -6.14
C LYS A 318 -14.72 -14.84 -5.18
N ASP A 319 -14.43 -14.98 -3.91
CA ASP A 319 -15.24 -14.41 -2.88
C ASP A 319 -16.66 -14.88 -3.02
N ARG A 320 -16.85 -16.17 -3.22
CA ARG A 320 -18.11 -16.81 -3.58
CA ARG A 320 -18.11 -16.81 -3.58
C ARG A 320 -19.39 -16.02 -3.30
N PRO A 321 -20.19 -15.76 -4.36
CA PRO A 321 -21.45 -15.02 -4.19
C PRO A 321 -22.55 -15.88 -3.54
N CYS A 322 -23.73 -15.30 -3.35
CA CYS A 322 -24.82 -16.01 -2.71
C CYS A 322 -25.48 -17.23 -3.40
N HIS A 323 -25.83 -17.16 -4.70
CA HIS A 323 -26.28 -18.31 -5.47
C HIS A 323 -25.22 -19.38 -5.60
N ASP A 324 -25.59 -20.62 -5.28
CA ASP A 324 -24.68 -21.76 -5.40
C ASP A 324 -24.37 -22.11 -6.85
N PHE A 325 -23.21 -22.72 -7.05
CA PHE A 325 -22.73 -23.12 -8.36
C PHE A 325 -22.85 -22.00 -9.42
N PRO A 326 -22.21 -20.83 -9.17
CA PRO A 326 -22.28 -19.75 -10.15
C PRO A 326 -21.61 -20.19 -11.46
N TYR A 327 -22.22 -19.81 -12.59
CA TYR A 327 -21.67 -20.19 -13.88
C TYR A 327 -21.92 -19.12 -14.95
N ARG A 328 -22.96 -19.30 -15.76
CA ARG A 328 -23.29 -18.33 -16.81
C ARG A 328 -24.75 -17.95 -16.75
N ASP A 329 -25.17 -17.29 -15.68
CA ASP A 329 -26.55 -16.81 -15.60
C ASP A 329 -26.85 -15.87 -16.76
N ALA A 330 -25.99 -14.87 -16.92
CA ALA A 330 -26.17 -13.84 -17.94
C ALA A 330 -26.02 -14.38 -19.37
N GLU A 331 -27.03 -15.10 -19.83
CA GLU A 331 -27.20 -15.53 -21.25
C GLU A 331 -25.94 -15.83 -22.06
N GLY A 332 -25.10 -16.70 -21.51
CA GLY A 332 -23.83 -17.06 -22.12
C GLY A 332 -22.67 -16.36 -21.45
N ASN A 333 -22.95 -15.17 -20.90
CA ASN A 333 -21.96 -14.40 -20.15
C ASN A 333 -21.72 -15.02 -18.79
N TYR A 334 -20.44 -15.21 -18.49
CA TYR A 334 -20.03 -15.71 -17.19
C TYR A 334 -20.39 -14.72 -16.10
N ASP A 335 -20.84 -15.26 -14.97
CA ASP A 335 -21.04 -14.50 -13.74
C ASP A 335 -19.75 -13.73 -13.41
N PRO A 336 -19.86 -12.45 -12.99
CA PRO A 336 -18.66 -11.65 -12.73
C PRO A 336 -17.73 -12.31 -11.71
N ALA A 337 -18.26 -13.21 -10.87
CA ALA A 337 -17.47 -13.86 -9.82
C ALA A 337 -16.63 -15.03 -10.32
N VAL A 338 -16.94 -15.54 -11.52
CA VAL A 338 -16.25 -16.72 -12.07
C VAL A 338 -14.92 -16.34 -12.72
N VAL A 339 -13.83 -17.00 -12.32
CA VAL A 339 -12.48 -16.68 -12.81
C VAL A 339 -11.89 -17.80 -13.65
N LEU A 340 -12.44 -19.00 -13.52
CA LEU A 340 -11.92 -20.17 -14.21
C LEU A 340 -13.04 -21.10 -14.59
N ASP A 341 -13.06 -21.54 -15.85
CA ASP A 341 -13.92 -22.62 -16.30
C ASP A 341 -13.00 -23.67 -16.90
N PHE A 342 -12.77 -24.76 -16.17
CA PHE A 342 -11.70 -25.71 -16.49
C PHE A 342 -12.33 -27.09 -16.73
N ASP A 343 -12.11 -27.66 -17.91
CA ASP A 343 -12.77 -28.89 -18.34
C ASP A 343 -11.65 -29.88 -18.62
N TYR A 344 -11.62 -30.98 -17.87
CA TYR A 344 -10.49 -31.89 -17.91
C TYR A 344 -10.98 -33.28 -17.60
N THR A 345 -10.06 -34.23 -17.71
CA THR A 345 -10.39 -35.63 -17.51
C THR A 345 -9.45 -36.23 -16.46
N VAL A 346 -10.06 -36.84 -15.46
CA VAL A 346 -9.31 -37.47 -14.37
C VAL A 346 -9.41 -38.98 -14.49
N LEU A 347 -8.45 -39.68 -13.91
CA LEU A 347 -8.53 -41.12 -13.76
C LEU A 347 -8.92 -41.40 -12.32
N PRO A 349 -9.86 -44.89 -9.55
CA PRO A 349 -10.01 -46.33 -9.38
C PRO A 349 -11.48 -46.74 -9.41
N ARG A 350 -11.73 -47.93 -9.94
CA ARG A 350 -13.07 -48.54 -9.97
C ARG A 350 -13.26 -49.60 -8.89
N ARG A 351 -14.50 -49.87 -8.51
CA ARG A 351 -14.76 -50.93 -7.55
C ARG A 351 -14.49 -52.31 -8.17
N GLY A 352 -13.90 -53.20 -7.39
CA GLY A 352 -13.51 -54.52 -7.88
C GLY A 352 -14.28 -55.63 -7.20
N SER B 2 10.05 32.83 -20.17
CA SER B 2 9.03 33.54 -19.31
C SER B 2 8.10 32.56 -18.56
N ALA B 3 8.70 31.56 -17.93
CA ALA B 3 7.97 30.60 -17.09
C ALA B 3 7.02 31.31 -16.15
N LYS B 4 5.80 30.77 -16.06
CA LYS B 4 4.74 31.39 -15.28
C LYS B 4 4.67 30.90 -13.84
N THR B 5 5.43 29.86 -13.55
CA THR B 5 5.32 29.21 -12.25
C THR B 5 6.25 29.86 -11.24
N ASN B 6 6.02 29.56 -9.96
CA ASN B 6 6.84 30.12 -8.88
C ASN B 6 7.73 29.01 -8.35
N PRO B 7 9.04 29.09 -8.64
CA PRO B 7 9.94 28.01 -8.19
C PRO B 7 10.30 28.16 -6.70
N GLY B 8 9.78 29.20 -6.06
CA GLY B 8 10.16 29.53 -4.69
C GLY B 8 11.55 30.15 -4.67
N ASN B 9 12.09 30.35 -3.48
CA ASN B 9 13.46 30.80 -3.37
C ASN B 9 14.37 29.65 -3.03
N PHE B 10 15.56 29.64 -3.62
CA PHE B 10 16.63 28.76 -3.16
C PHE B 10 17.56 29.62 -2.31
N PHE B 11 18.53 28.99 -1.63
CA PHE B 11 19.35 29.71 -0.65
C PHE B 11 20.01 30.97 -1.21
N GLU B 12 20.62 30.86 -2.39
CA GLU B 12 21.36 31.98 -3.00
C GLU B 12 20.44 33.10 -3.48
N ASP B 13 19.14 32.83 -3.50
CA ASP B 13 18.15 33.81 -3.91
C ASP B 13 17.83 34.83 -2.81
N PHE B 14 18.12 34.49 -1.55
CA PHE B 14 17.80 35.36 -0.42
C PHE B 14 18.79 36.51 -0.26
N ARG B 15 18.28 37.69 0.09
CA ARG B 15 19.13 38.84 0.40
C ARG B 15 18.86 39.31 1.81
N LEU B 16 19.92 39.54 2.58
CA LEU B 16 19.79 40.08 3.92
C LEU B 16 18.99 41.38 3.89
N GLY B 17 17.98 41.47 4.75
CA GLY B 17 17.16 42.68 4.81
C GLY B 17 15.97 42.70 3.87
N GLN B 18 15.85 41.75 2.95
CA GLN B 18 14.70 41.75 2.04
C GLN B 18 13.40 41.40 2.76
N THR B 19 12.34 42.11 2.40
CA THR B 19 11.01 41.83 2.91
C THR B 19 10.19 41.15 1.81
N ILE B 20 9.57 40.03 2.15
CA ILE B 20 8.71 39.30 1.24
C ILE B 20 7.27 39.43 1.71
N VAL B 21 6.42 39.95 0.82
CA VAL B 21 4.98 40.03 1.07
C VAL B 21 4.33 38.76 0.50
N HIS B 22 3.78 37.93 1.36
CA HIS B 22 3.24 36.67 0.95
C HIS B 22 1.88 36.74 0.34
N ALA B 23 1.58 35.79 -0.51
CA ALA B 23 0.29 35.68 -1.15
C ALA B 23 -0.80 35.14 -0.24
N THR B 24 -2.03 35.26 -0.69
CA THR B 24 -3.15 34.62 -0.05
C THR B 24 -3.54 35.04 1.35
N PRO B 25 -3.97 36.26 1.52
CA PRO B 25 -4.54 36.68 2.78
C PRO B 25 -5.73 35.80 3.08
N ARG B 26 -5.96 35.48 4.34
CA ARG B 26 -6.89 34.45 4.67
C ARG B 26 -7.91 34.84 5.70
N THR B 27 -9.17 34.83 5.32
CA THR B 27 -10.25 35.06 6.27
C THR B 27 -10.49 33.76 7.06
N ILE B 28 -10.48 33.87 8.38
CA ILE B 28 -10.66 32.70 9.25
C ILE B 28 -12.10 32.65 9.73
N THR B 29 -12.75 31.50 9.51
CA THR B 29 -14.17 31.37 9.82
C THR B 29 -14.49 30.26 10.80
N GLU B 30 -15.76 30.20 11.20
CA GLU B 30 -16.28 29.11 12.03
C GLU B 30 -16.06 27.77 11.35
N GLY B 31 -15.95 27.78 10.01
CA GLY B 31 -15.67 26.53 9.30
C GLY B 31 -14.26 26.03 9.62
N ASP B 32 -13.31 26.96 9.67
CA ASP B 32 -11.94 26.65 10.07
C ASP B 32 -11.87 26.13 11.50
N VAL B 33 -12.63 26.75 12.39
CA VAL B 33 -12.67 26.35 13.79
C VAL B 33 -13.13 24.90 13.95
N ALA B 34 -14.22 24.53 13.27
CA ALA B 34 -14.77 23.21 13.42
C ALA B 34 -13.80 22.16 12.82
N LEU B 35 -13.18 22.48 11.68
CA LEU B 35 -12.18 21.60 11.07
CA LEU B 35 -12.19 21.59 11.07
C LEU B 35 -11.01 21.37 12.00
N TYR B 36 -10.52 22.46 12.60
CA TYR B 36 -9.39 22.36 13.54
C TYR B 36 -9.76 21.46 14.73
N THR B 37 -10.95 21.67 15.30
CA THR B 37 -11.46 20.73 16.34
C THR B 37 -11.49 19.27 15.85
N SER B 38 -11.94 19.05 14.62
CA SER B 38 -12.12 17.68 14.12
C SER B 38 -10.80 17.00 13.82
N LEU B 39 -9.74 17.79 13.71
CA LEU B 39 -8.44 17.25 13.34
C LEU B 39 -7.57 16.97 14.56
N TYR B 40 -7.78 17.74 15.62
CA TYR B 40 -6.94 17.56 16.81
C TYR B 40 -7.69 17.18 18.08
N GLY B 41 -9.00 17.44 18.14
CA GLY B 41 -9.76 17.03 19.31
C GLY B 41 -9.54 17.95 20.51
N SER B 42 -9.05 19.17 20.29
CA SER B 42 -8.73 20.04 21.42
C SER B 42 -9.98 20.30 22.27
N ARG B 43 -9.85 20.19 23.59
CA ARG B 43 -11.00 20.38 24.49
CA ARG B 43 -10.98 20.35 24.53
C ARG B 43 -10.89 21.63 25.37
N PHE B 44 -9.88 22.47 25.12
CA PHE B 44 -9.72 23.71 25.89
C PHE B 44 -10.98 24.55 25.82
N ALA B 45 -11.50 24.95 26.97
CA ALA B 45 -12.85 25.53 27.02
C ALA B 45 -12.96 26.85 26.29
N LEU B 46 -11.87 27.63 26.30
CA LEU B 46 -11.84 28.98 25.72
C LEU B 46 -12.22 28.98 24.24
N THR B 47 -11.72 28.01 23.47
CA THR B 47 -11.98 27.98 22.05
C THR B 47 -13.29 27.23 21.70
N SER B 48 -13.78 26.36 22.61
CA SER B 48 -14.97 25.53 22.33
C SER B 48 -16.30 26.20 22.61
N SER B 49 -16.30 27.23 23.46
CA SER B 49 -17.54 27.82 23.87
C SER B 49 -17.53 29.36 23.85
N THR B 50 -18.40 29.93 23.04
CA THR B 50 -18.58 31.39 23.05
C THR B 50 -18.99 31.95 24.41
N PRO B 51 -20.00 31.35 25.08
CA PRO B 51 -20.33 31.93 26.38
C PRO B 51 -19.17 31.84 27.38
N PHE B 52 -18.40 30.76 27.37
CA PHE B 52 -17.24 30.63 28.24
C PHE B 52 -16.25 31.76 27.96
N ALA B 53 -15.89 31.96 26.69
CA ALA B 53 -14.99 33.05 26.28
C ALA B 53 -15.56 34.42 26.68
N GLN B 54 -16.86 34.62 26.47
CA GLN B 54 -17.48 35.91 26.86
C GLN B 54 -17.44 36.16 28.36
N SER B 55 -17.47 35.09 29.16
CA SER B 55 -17.42 35.27 30.61
C SER B 55 -16.02 35.76 31.05
N LEU B 56 -15.04 35.64 30.15
CA LEU B 56 -13.69 36.15 30.40
C LEU B 56 -13.47 37.50 29.76
N GLY B 57 -14.52 38.08 29.18
CA GLY B 57 -14.46 39.43 28.65
C GLY B 57 -14.11 39.54 27.17
N LEU B 58 -13.99 38.39 26.49
CA LEU B 58 -13.80 38.36 25.04
C LEU B 58 -15.11 38.55 24.28
N GLU B 59 -15.01 38.93 23.00
CA GLU B 59 -16.21 39.14 22.16
C GLU B 59 -16.94 37.84 21.93
N ARG B 60 -16.19 36.76 21.74
CA ARG B 60 -16.75 35.45 21.46
C ARG B 60 -15.56 34.48 21.54
N ALA B 61 -15.81 33.20 21.32
CA ALA B 61 -14.69 32.23 21.30
C ALA B 61 -13.61 32.65 20.30
N PRO B 62 -12.36 32.79 20.77
CA PRO B 62 -11.27 33.17 19.87
C PRO B 62 -10.76 31.98 19.04
N ILE B 63 -10.11 32.28 17.92
CA ILE B 63 -9.40 31.28 17.15
C ILE B 63 -8.26 30.67 18.01
N ASP B 64 -8.11 29.35 18.02
CA ASP B 64 -7.00 28.72 18.67
C ASP B 64 -5.68 29.37 18.23
N SER B 65 -4.83 29.73 19.20
CA SER B 65 -3.51 30.33 18.91
C SER B 65 -2.67 29.52 17.93
N LEU B 66 -2.76 28.20 18.00
CA LEU B 66 -1.99 27.36 17.08
C LEU B 66 -2.60 27.33 15.68
N LEU B 67 -3.93 27.43 15.59
CA LEU B 67 -4.55 27.59 14.28
C LEU B 67 -4.06 28.91 13.64
N VAL B 68 -4.02 29.99 14.42
CA VAL B 68 -3.44 31.25 13.97
C VAL B 68 -1.99 31.03 13.49
N PHE B 69 -1.21 30.32 14.30
CA PHE B 69 0.18 30.05 13.98
C PHE B 69 0.39 29.27 12.68
N HIS B 70 -0.33 28.14 12.52
CA HIS B 70 -0.25 27.35 11.28
C HIS B 70 -0.65 28.07 10.02
N ILE B 71 -1.65 28.94 10.11
CA ILE B 71 -2.05 29.77 8.97
C ILE B 71 -0.97 30.80 8.60
N VAL B 72 -0.47 31.54 9.60
CA VAL B 72 0.61 32.52 9.39
C VAL B 72 1.84 31.81 8.81
N PHE B 73 2.21 30.68 9.40
CA PHE B 73 3.33 29.90 8.93
C PHE B 73 3.09 29.43 7.51
N GLY B 74 1.90 28.87 7.26
CA GLY B 74 1.53 28.34 5.94
C GLY B 74 1.73 29.32 4.80
N LYS B 75 1.33 30.58 5.00
CA LYS B 75 1.52 31.63 4.00
C LYS B 75 2.97 31.83 3.59
N THR B 76 3.90 31.54 4.51
CA THR B 76 5.32 31.81 4.28
C THR B 76 5.97 30.68 3.51
N VAL B 77 5.33 29.52 3.53
CA VAL B 77 5.92 28.32 2.93
C VAL B 77 6.32 28.49 1.46
N PRO B 78 5.41 28.99 0.59
CA PRO B 78 5.79 29.12 -0.82
C PRO B 78 7.10 29.90 -1.07
N ASP B 79 7.34 30.96 -0.29
CA ASP B 79 8.50 31.83 -0.49
C ASP B 79 9.72 31.49 0.35
N ILE B 80 9.53 30.86 1.50
CA ILE B 80 10.63 30.60 2.43
C ILE B 80 11.10 29.17 2.42
N SER B 81 10.17 28.23 2.51
CA SER B 81 10.57 26.86 2.82
C SER B 81 10.18 25.83 1.77
N LEU B 82 9.66 26.29 0.63
CA LEU B 82 9.38 25.37 -0.48
C LEU B 82 10.59 24.47 -0.82
N ASN B 83 11.79 25.07 -0.82
CA ASN B 83 13.02 24.35 -1.16
C ASN B 83 13.89 24.04 0.08
N ALA B 84 13.24 23.98 1.24
CA ALA B 84 13.91 23.71 2.50
C ALA B 84 14.08 22.22 2.77
N ILE B 85 15.19 21.86 3.41
CA ILE B 85 15.43 20.50 3.89
C ILE B 85 14.77 20.28 5.26
N ALA B 86 14.81 21.31 6.12
CA ALA B 86 14.21 21.23 7.46
C ALA B 86 14.05 22.61 8.07
N ASN B 87 13.05 22.73 8.93
CA ASN B 87 12.98 23.86 9.84
C ASN B 87 13.89 23.58 11.02
N LEU B 88 14.74 24.54 11.36
CA LEU B 88 15.75 24.28 12.38
C LEU B 88 15.38 24.81 13.77
N GLY B 89 14.50 25.81 13.85
CA GLY B 89 14.06 26.33 15.14
C GLY B 89 13.09 27.49 15.01
N TYR B 90 12.56 27.92 16.16
CA TYR B 90 11.70 29.11 16.25
C TYR B 90 12.21 29.86 17.46
N ALA B 91 11.98 31.18 17.47
CA ALA B 91 12.27 32.00 18.64
C ALA B 91 11.36 33.23 18.63
N GLY B 92 11.15 33.78 19.82
CA GLY B 92 10.44 35.05 19.96
C GLY B 92 9.07 35.03 19.34
N GLY B 93 8.35 33.91 19.50
CA GLY B 93 6.97 33.80 18.99
C GLY B 93 5.98 34.48 19.90
N ARG B 94 5.63 35.73 19.60
CA ARG B 94 4.75 36.53 20.47
C ARG B 94 3.34 36.67 19.86
N PHE B 95 2.30 36.22 20.58
CA PHE B 95 0.92 36.43 20.13
C PHE B 95 0.47 37.82 20.52
N GLY B 96 -0.21 38.52 19.60
CA GLY B 96 -0.58 39.92 19.79
C GLY B 96 -2.07 39.99 19.96
N ALA B 97 -2.75 40.72 19.08
CA ALA B 97 -4.20 40.84 19.17
C ALA B 97 -4.88 39.48 19.01
N VAL B 98 -5.96 39.30 19.76
CA VAL B 98 -6.84 38.16 19.62
C VAL B 98 -7.42 38.11 18.21
N VAL B 99 -7.50 36.90 17.68
CA VAL B 99 -8.16 36.64 16.40
C VAL B 99 -9.54 36.00 16.61
N TYR B 100 -10.54 36.51 15.90
CA TYR B 100 -11.92 36.01 15.96
C TYR B 100 -12.37 35.55 14.59
N PRO B 101 -13.37 34.64 14.54
CA PRO B 101 -13.97 34.29 13.24
C PRO B 101 -14.33 35.54 12.46
N GLY B 102 -13.98 35.55 11.18
CA GLY B 102 -14.27 36.74 10.36
C GLY B 102 -13.06 37.64 10.15
N ASP B 103 -12.03 37.45 10.97
CA ASP B 103 -10.80 38.24 10.81
C ASP B 103 -10.02 37.70 9.63
N THR B 104 -9.21 38.54 9.00
CA THR B 104 -8.41 38.17 7.84
C THR B 104 -6.95 38.42 8.14
N LEU B 105 -6.14 37.38 7.96
CA LEU B 105 -4.70 37.48 8.22
C LEU B 105 -3.88 37.54 6.94
N SER B 106 -2.85 38.37 6.98
CA SER B 106 -1.84 38.37 5.94
C SER B 106 -0.47 38.46 6.59
N THR B 107 0.54 37.99 5.88
CA THR B 107 1.85 37.71 6.45
C THR B 107 2.95 38.32 5.60
N THR B 108 3.97 38.84 6.25
CA THR B 108 5.18 39.27 5.57
C THR B 108 6.34 38.66 6.31
N SER B 109 7.45 38.47 5.61
CA SER B 109 8.67 37.94 6.21
C SER B 109 9.85 38.80 5.81
N LYS B 110 10.76 39.03 6.77
CA LYS B 110 12.01 39.73 6.52
C LYS B 110 13.17 38.78 6.78
N VAL B 111 14.14 38.74 5.86
CA VAL B 111 15.36 37.97 6.05
C VAL B 111 16.29 38.74 7.00
N ILE B 112 16.60 38.10 8.13
CA ILE B 112 17.41 38.73 9.18
C ILE B 112 18.71 37.97 9.42
N GLY B 113 18.93 36.92 8.64
CA GLY B 113 20.14 36.12 8.77
C GLY B 113 20.36 35.18 7.60
N LEU B 114 21.63 34.96 7.27
CA LEU B 114 22.05 33.98 6.28
C LEU B 114 23.37 33.35 6.70
N ARG B 115 23.48 32.03 6.53
CA ARG B 115 24.75 31.32 6.73
C ARG B 115 24.80 30.08 5.84
N GLN B 116 25.67 30.11 4.83
CA GLN B 116 25.89 28.94 3.99
C GLN B 116 26.52 27.84 4.84
N ASN B 117 26.04 26.61 4.64
CA ASN B 117 26.60 25.47 5.35
C ASN B 117 28.00 25.09 4.88
N LYS B 118 28.79 24.50 5.78
CA LYS B 118 30.19 24.16 5.49
C LYS B 118 30.38 23.36 4.21
N ASP B 119 29.41 22.51 3.87
CA ASP B 119 29.51 21.67 2.67
C ASP B 119 29.10 22.38 1.36
N GLY B 120 28.56 23.60 1.48
CA GLY B 120 28.23 24.43 0.31
C GLY B 120 27.05 24.00 -0.54
N LYS B 121 26.33 22.96 -0.12
CA LYS B 121 25.14 22.45 -0.86
C LYS B 121 23.85 23.14 -0.39
N THR B 122 23.88 23.62 0.85
CA THR B 122 22.73 24.26 1.48
C THR B 122 23.15 25.47 2.31
N GLY B 123 22.15 26.20 2.78
CA GLY B 123 22.39 27.31 3.70
C GLY B 123 21.22 27.49 4.66
N VAL B 124 21.47 28.24 5.73
CA VAL B 124 20.48 28.51 6.74
C VAL B 124 19.99 29.95 6.58
N VAL B 125 18.68 30.14 6.48
CA VAL B 125 18.10 31.48 6.38
C VAL B 125 17.22 31.75 7.61
N TYR B 126 17.40 32.94 8.19
CA TYR B 126 16.63 33.35 9.36
C TYR B 126 15.63 34.36 8.88
N VAL B 127 14.36 34.15 9.23
CA VAL B 127 13.30 35.09 8.87
C VAL B 127 12.52 35.62 10.07
N HIS B 128 12.07 36.86 10.00
CA HIS B 128 11.13 37.38 10.97
C HIS B 128 9.81 37.46 10.24
N SER B 129 8.87 36.61 10.63
CA SER B 129 7.53 36.61 10.00
C SER B 129 6.52 37.28 10.91
N VAL B 130 5.66 38.11 10.30
CA VAL B 130 4.69 38.90 11.02
C VAL B 130 3.32 38.71 10.37
N GLY B 131 2.35 38.25 11.16
CA GLY B 131 0.95 38.16 10.71
C GLY B 131 0.17 39.33 11.25
N VAL B 132 -0.61 40.00 10.40
CA VAL B 132 -1.46 41.12 10.86
C VAL B 132 -2.90 40.80 10.49
N ASN B 133 -3.84 41.38 11.24
CA ASN B 133 -5.24 41.25 10.88
C ASN B 133 -5.66 42.39 9.93
N GLN B 134 -6.95 42.43 9.60
CA GLN B 134 -7.50 43.40 8.64
C GLN B 134 -7.39 44.84 9.13
N TRP B 135 -7.06 45.01 10.41
CA TRP B 135 -6.87 46.34 11.00
C TRP B 135 -5.40 46.69 11.08
N ASP B 136 -4.56 45.89 10.45
CA ASP B 136 -3.11 46.04 10.50
C ASP B 136 -2.54 45.86 11.91
N GLU B 137 -3.29 45.25 12.82
CA GLU B 137 -2.77 44.90 14.15
C GLU B 137 -2.02 43.58 14.06
N VAL B 138 -0.86 43.49 14.71
CA VAL B 138 -0.05 42.27 14.75
C VAL B 138 -0.76 41.25 15.63
N VAL B 139 -0.98 40.05 15.10
CA VAL B 139 -1.63 38.98 15.87
C VAL B 139 -0.60 37.94 16.23
N LEU B 140 0.52 37.97 15.52
CA LEU B 140 1.60 37.00 15.73
C LEU B 140 2.85 37.46 15.01
N GLU B 141 3.98 37.43 15.71
CA GLU B 141 5.30 37.55 15.11
C GLU B 141 6.21 36.47 15.67
N TYR B 142 7.15 35.99 14.87
CA TYR B 142 8.13 35.02 15.35
C TYR B 142 9.34 35.02 14.42
N ILE B 143 10.42 34.40 14.88
CA ILE B 143 11.59 34.15 14.06
C ILE B 143 11.65 32.64 13.84
N ARG B 144 11.97 32.23 12.63
CA ARG B 144 12.28 30.81 12.41
C ARG B 144 13.48 30.73 11.50
N TRP B 145 14.17 29.60 11.54
CA TRP B 145 15.28 29.43 10.61
C TRP B 145 15.24 28.07 10.02
N VAL B 146 15.68 28.00 8.78
CA VAL B 146 15.33 26.90 7.92
C VAL B 146 16.57 26.57 7.07
N VAL B 148 17.92 25.58 3.71
CA VAL B 148 17.42 25.66 2.32
C VAL B 148 18.46 25.19 1.30
N ARG B 149 18.02 24.39 0.34
CA ARG B 149 18.88 23.93 -0.75
C ARG B 149 19.39 25.11 -1.56
N LYS B 150 20.60 24.99 -2.09
CA LYS B 150 21.08 25.89 -3.12
C LYS B 150 20.70 25.31 -4.45
N ARG B 151 20.26 26.14 -5.38
CA ARG B 151 20.00 25.67 -6.73
C ARG B 151 21.29 25.28 -7.45
N ASP B 152 22.26 26.18 -7.37
CA ASP B 152 23.58 25.97 -7.93
C ASP B 152 24.62 25.85 -6.81
N PRO B 153 25.16 24.62 -6.60
CA PRO B 153 26.21 24.42 -5.59
C PRO B 153 27.34 25.45 -5.70
N ASN B 154 27.58 25.94 -6.92
CA ASN B 154 28.68 26.88 -7.21
C ASN B 154 28.41 28.36 -6.91
N ALA B 155 27.15 28.74 -6.73
CA ALA B 155 26.81 30.15 -6.43
C ALA B 155 27.64 30.67 -5.26
N PRO B 156 28.09 31.94 -5.33
CA PRO B 156 28.84 32.51 -4.21
C PRO B 156 28.05 32.54 -2.91
N ALA B 157 28.73 32.29 -1.80
CA ALA B 157 28.14 32.37 -0.47
C ALA B 157 27.82 33.84 -0.16
N PRO B 158 26.70 34.10 0.54
CA PRO B 158 26.49 35.44 1.09
C PRO B 158 27.40 35.62 2.29
N GLU B 159 27.60 36.85 2.73
CA GLU B 159 28.27 37.08 4.00
C GLU B 159 27.42 36.49 5.10
N THR B 160 28.06 35.75 6.01
CA THR B 160 27.34 35.18 7.14
C THR B 160 26.85 36.27 8.08
N VAL B 161 25.54 36.34 8.30
CA VAL B 161 24.96 37.17 9.34
C VAL B 161 23.98 36.31 10.11
N VAL B 162 24.24 36.13 11.40
CA VAL B 162 23.38 35.34 12.28
C VAL B 162 22.82 36.27 13.36
N PRO B 163 21.49 36.38 13.45
CA PRO B 163 20.95 37.32 14.43
C PRO B 163 21.04 36.74 15.85
N ASP B 164 21.05 37.63 16.84
CA ASP B 164 20.86 37.21 18.23
C ASP B 164 19.42 36.73 18.36
N LEU B 165 19.23 35.59 19.02
CA LEU B 165 17.90 35.00 19.18
C LEU B 165 17.48 35.04 20.65
N PRO B 166 16.27 35.52 20.95
CA PRO B 166 15.87 35.53 22.35
C PRO B 166 15.59 34.12 22.83
N ASP B 167 15.92 33.82 24.09
CA ASP B 167 15.64 32.52 24.66
C ASP B 167 14.15 32.30 24.87
N SER B 168 13.42 33.39 25.14
CA SER B 168 11.98 33.31 25.35
C SER B 168 11.38 34.68 25.10
N VAL B 169 10.06 34.72 24.89
CA VAL B 169 9.34 35.97 24.87
C VAL B 169 9.22 36.42 26.33
N PRO B 170 9.75 37.62 26.65
CA PRO B 170 9.68 38.11 28.05
C PRO B 170 8.24 38.23 28.53
N VAL B 171 8.03 37.92 29.81
CA VAL B 171 6.70 37.96 30.42
C VAL B 171 6.08 39.36 30.28
N THR B 172 6.94 40.38 30.24
CA THR B 172 6.50 41.77 30.04
C THR B 172 5.98 42.02 28.62
N ASP B 173 6.27 41.11 27.68
CA ASP B 173 5.76 41.23 26.29
C ASP B 173 4.49 40.41 25.99
N LEU B 174 4.01 39.65 26.96
CA LEU B 174 2.82 38.81 26.74
C LEU B 174 1.54 39.62 26.71
N THR B 175 0.68 39.33 25.74
CA THR B 175 -0.67 39.86 25.71
C THR B 175 -1.54 38.98 26.60
N VAL B 176 -2.35 39.61 27.46
CA VAL B 176 -3.25 38.87 28.34
C VAL B 176 -4.62 39.44 28.07
N PRO B 177 -5.31 38.92 27.03
CA PRO B 177 -6.47 39.61 26.46
C PRO B 177 -7.80 39.33 27.14
N TYR B 178 -7.79 38.50 28.17
CA TYR B 178 -9.02 38.21 28.90
C TYR B 178 -8.79 38.35 30.40
N THR B 179 -9.88 38.33 31.16
CA THR B 179 -9.84 38.53 32.61
C THR B 179 -10.59 37.39 33.28
N VAL B 180 -10.05 36.89 34.38
CA VAL B 180 -10.69 35.82 35.15
C VAL B 180 -11.11 36.35 36.49
N SER B 181 -12.35 36.04 36.89
CA SER B 181 -12.70 36.21 38.28
C SER B 181 -13.21 34.88 38.82
N ALA B 182 -12.86 34.61 40.08
CA ALA B 182 -13.31 33.42 40.78
C ALA B 182 -14.83 33.31 40.75
N ALA B 183 -15.49 34.46 40.88
CA ALA B 183 -16.94 34.53 40.89
C ALA B 183 -17.57 34.04 39.58
N ASN B 184 -16.74 33.81 38.58
CA ASN B 184 -17.21 33.65 37.22
C ASN B 184 -16.43 32.61 36.43
N TYR B 185 -15.64 31.78 37.12
CA TYR B 185 -14.83 30.77 36.43
C TYR B 185 -15.35 29.38 36.80
N ASN B 186 -15.98 28.72 35.84
CA ASN B 186 -16.51 27.38 36.09
C ASN B 186 -15.44 26.31 35.90
N LEU B 187 -14.93 25.80 37.02
CA LEU B 187 -13.88 24.79 37.01
C LEU B 187 -14.30 23.48 36.37
N ALA B 188 -15.54 23.06 36.62
CA ALA B 188 -16.06 21.83 36.02
C ALA B 188 -16.11 22.00 34.51
N HIS B 189 -16.60 23.14 34.02
CA HIS B 189 -16.58 23.41 32.58
C HIS B 189 -15.18 23.46 32.01
N ALA B 190 -14.25 24.12 32.72
CA ALA B 190 -12.88 24.20 32.24
C ALA B 190 -12.24 22.80 32.16
N GLY B 191 -12.49 21.96 33.16
CA GLY B 191 -12.04 20.58 33.12
C GLY B 191 -11.02 20.18 34.19
N SER B 192 -10.67 21.10 35.08
CA SER B 192 -9.72 20.79 36.15
C SER B 192 -9.90 21.71 37.33
N ASN B 193 -9.62 21.19 38.53
CA ASN B 193 -9.52 22.02 39.74
C ASN B 193 -8.12 22.63 39.93
N TYR B 194 -7.12 22.12 39.24
CA TYR B 194 -5.78 22.65 39.37
C TYR B 194 -5.61 24.01 38.70
N LEU B 195 -5.09 24.97 39.43
CA LEU B 195 -4.87 26.31 38.92
C LEU B 195 -3.39 26.65 38.96
N TRP B 196 -3.04 27.87 38.61
CA TRP B 196 -1.66 28.25 38.47
C TRP B 196 -0.94 28.02 39.75
N ASP B 197 -1.55 28.39 40.87
CA ASP B 197 -0.95 28.19 42.19
C ASP B 197 -0.56 26.73 42.47
N ASP B 198 -1.23 25.78 41.83
CA ASP B 198 -1.09 24.36 42.22
C ASP B 198 -0.04 23.60 41.46
N TYR B 199 0.48 24.19 40.37
CA TYR B 199 1.53 23.56 39.59
C TYR B 199 2.90 23.77 40.23
N GLU B 200 3.73 22.74 40.18
CA GLU B 200 5.06 22.77 40.80
C GLU B 200 6.14 22.87 39.73
N VAL B 201 6.97 23.90 39.84
CA VAL B 201 8.07 24.11 38.90
C VAL B 201 8.94 22.85 38.92
N GLY B 202 9.25 22.28 37.76
CA GLY B 202 10.01 21.04 37.71
C GLY B 202 9.18 19.77 37.59
N GLU B 203 7.89 19.85 37.89
CA GLU B 203 7.09 18.62 37.83
C GLU B 203 6.87 18.18 36.39
N LYS B 204 6.80 16.87 36.21
CA LYS B 204 6.56 16.28 34.89
C LYS B 204 5.17 15.67 34.84
N ILE B 205 4.50 15.82 33.69
CA ILE B 205 3.10 15.41 33.54
C ILE B 205 2.97 14.50 32.33
N ASP B 206 2.60 13.26 32.58
CA ASP B 206 2.35 12.28 31.53
C ASP B 206 0.92 12.45 31.05
N HIS B 207 0.74 12.83 29.78
CA HIS B 207 -0.60 13.11 29.25
C HIS B 207 -1.41 11.90 28.88
N VAL B 208 -0.75 10.73 28.95
CA VAL B 208 -1.36 9.39 28.89
C VAL B 208 -1.79 8.94 27.49
N ASP B 209 -2.71 9.70 26.89
CA ASP B 209 -3.35 9.30 25.62
C ASP B 209 -2.36 9.28 24.44
N GLY B 210 -2.58 8.34 23.53
CA GLY B 210 -1.86 8.31 22.26
C GLY B 210 -2.83 8.33 21.09
N VAL B 211 -2.44 9.02 20.02
CA VAL B 211 -3.29 9.15 18.83
C VAL B 211 -2.52 8.85 17.54
N THR B 212 -3.14 8.05 16.69
CA THR B 212 -2.49 7.63 15.46
C THR B 212 -2.78 8.59 14.32
N ILE B 213 -1.72 8.93 13.57
CA ILE B 213 -1.82 9.83 12.42
C ILE B 213 -2.27 9.07 11.19
N GLU B 214 -3.30 9.61 10.54
CA GLU B 214 -3.75 9.11 9.24
C GLU B 214 -3.25 10.05 8.13
N GLU B 215 -2.98 9.52 6.94
CA GLU B 215 -2.56 10.35 5.79
C GLU B 215 -3.55 11.48 5.49
N ALA B 216 -4.84 11.14 5.41
CA ALA B 216 -5.87 12.12 5.06
C ALA B 216 -5.92 13.19 6.10
N GLU B 217 -5.61 12.80 7.34
CA GLU B 217 -5.68 13.71 8.48
C GLU B 217 -4.62 14.83 8.40
N HIS B 218 -3.35 14.47 8.26
CA HIS B 218 -2.31 15.53 8.16
C HIS B 218 -2.40 16.34 6.86
N GLN B 220 -5.11 16.94 5.25
CA GLN B 220 -6.24 17.88 5.40
C GLN B 220 -5.93 19.12 6.26
N ALA B 221 -5.18 18.93 7.35
CA ALA B 221 -4.80 20.08 8.17
C ALA B 221 -3.85 20.95 7.36
N THR B 222 -2.90 20.33 6.65
CA THR B 222 -1.91 21.09 5.87
C THR B 222 -2.58 21.97 4.76
N ARG B 223 -3.62 21.42 4.12
CA ARG B 223 -4.41 22.18 3.13
C ARG B 223 -5.22 23.28 3.79
N LEU B 224 -5.69 23.03 5.00
CA LEU B 224 -6.44 24.09 5.74
C LEU B 224 -5.54 25.31 5.94
N TYR B 225 -4.25 25.03 6.15
CA TYR B 225 -3.24 26.06 6.37
C TYR B 225 -2.73 26.64 5.05
N GLN B 226 -3.20 26.07 3.92
CA GLN B 226 -2.73 26.47 2.58
C GLN B 226 -1.16 26.39 2.52
N ASN B 227 -0.64 25.35 3.16
CA ASN B 227 0.77 25.03 3.25
C ASN B 227 1.06 24.06 2.12
N THR B 228 1.96 24.43 1.22
CA THR B 228 2.15 23.69 -0.02
C THR B 228 3.39 22.82 -0.07
N ALA B 229 4.10 22.67 1.06
CA ALA B 229 5.37 21.94 1.06
C ALA B 229 5.15 20.53 0.54
N ARG B 230 5.98 20.13 -0.42
CA ARG B 230 5.67 18.99 -1.29
C ARG B 230 5.87 17.62 -0.61
N VAL B 231 6.74 17.58 0.41
CA VAL B 231 6.93 16.34 1.17
C VAL B 231 5.65 15.89 1.91
N HIS B 232 4.69 16.80 2.15
CA HIS B 232 3.44 16.39 2.80
C HIS B 232 2.48 15.66 1.88
N PHE B 233 2.61 15.87 0.56
CA PHE B 233 1.51 15.55 -0.35
C PHE B 233 1.76 14.47 -1.38
N ASN B 234 3.03 14.30 -1.78
CA ASN B 234 3.35 13.61 -3.01
C ASN B 234 3.97 12.26 -2.74
N LEU B 235 3.13 11.23 -2.75
CA LEU B 235 3.61 9.86 -2.54
C LEU B 235 4.45 9.39 -3.71
N HIS B 236 4.05 9.77 -4.93
CA HIS B 236 4.79 9.39 -6.14
C HIS B 236 6.24 9.78 -6.02
N VAL B 237 6.50 10.96 -5.48
CA VAL B 237 7.88 11.40 -5.25
C VAL B 237 8.45 10.80 -3.96
N GLU B 238 7.74 10.99 -2.85
CA GLU B 238 8.28 10.62 -1.54
C GLU B 238 8.57 9.12 -1.38
N ARG B 239 7.87 8.27 -2.15
CA ARG B 239 8.05 6.82 -2.06
C ARG B 239 9.42 6.41 -2.54
N GLU B 240 10.02 7.26 -3.38
CA GLU B 240 11.40 7.04 -3.82
C GLU B 240 12.40 7.64 -2.86
N GLY B 241 11.93 8.50 -1.94
CA GLY B 241 12.81 9.21 -1.01
C GLY B 241 13.43 8.34 0.08
N ARG B 242 14.04 8.99 1.08
CA ARG B 242 14.74 8.28 2.17
C ARG B 242 13.80 7.34 2.93
N PHE B 243 12.72 7.96 3.43
CA PHE B 243 11.77 7.34 4.31
C PHE B 243 10.73 6.56 3.54
N GLY B 244 10.60 6.86 2.25
CA GLY B 244 9.66 6.17 1.36
C GLY B 244 8.23 6.53 1.63
N ARG B 245 8.03 7.64 2.33
CA ARG B 245 6.68 8.06 2.68
C ARG B 245 6.61 9.56 2.90
N ARG B 246 5.41 10.09 2.77
CA ARG B 246 5.15 11.49 3.04
C ARG B 246 5.46 11.81 4.49
N ILE B 247 6.06 12.97 4.70
CA ILE B 247 6.42 13.43 6.04
C ILE B 247 5.29 14.32 6.55
N VAL B 248 4.91 14.11 7.81
CA VAL B 248 3.85 14.92 8.46
C VAL B 248 4.37 16.32 8.81
N TYR B 249 3.60 17.34 8.46
CA TYR B 249 3.90 18.72 8.85
C TYR B 249 4.22 18.78 10.33
N GLY B 250 5.42 19.30 10.65
CA GLY B 250 5.87 19.39 12.04
C GLY B 250 4.84 20.06 12.95
N GLY B 251 4.21 21.12 12.44
CA GLY B 251 3.19 21.84 13.22
C GLY B 251 1.95 21.02 13.56
N HIS B 252 1.69 19.99 12.75
CA HIS B 252 0.64 19.01 13.06
C HIS B 252 0.95 18.33 14.38
N ILE B 253 2.21 18.00 14.60
CA ILE B 253 2.64 17.36 15.86
C ILE B 253 2.49 18.32 17.03
N ILE B 254 2.79 19.58 16.79
CA ILE B 254 2.62 20.61 17.82
C ILE B 254 1.15 20.66 18.24
N SER B 255 0.26 20.64 17.25
CA SER B 255 -1.17 20.75 17.56
C SER B 255 -1.74 19.50 18.23
N LEU B 256 -1.28 18.32 17.84
CA LEU B 256 -1.64 17.12 18.56
C LEU B 256 -1.17 17.16 20.03
N ALA B 257 0.10 17.54 20.25
CA ALA B 257 0.69 17.62 21.61
C ALA B 257 -0.09 18.57 22.51
N ARG B 258 -0.41 19.74 21.98
CA ARG B 258 -1.21 20.72 22.70
C ARG B 258 -2.57 20.11 23.08
N SER B 259 -3.26 19.49 22.12
CA SER B 259 -4.53 18.83 22.39
C SER B 259 -4.40 17.76 23.49
N LEU B 260 -3.42 16.86 23.36
CA LEU B 260 -3.16 15.83 24.37
C LEU B 260 -2.87 16.41 25.76
N SER B 261 -2.16 17.54 25.80
CA SER B 261 -1.82 18.18 27.06
C SER B 261 -3.04 18.61 27.88
N PHE B 262 -4.22 18.69 27.24
CA PHE B 262 -5.47 19.01 27.98
C PHE B 262 -5.60 18.10 29.20
N ASN B 263 -5.18 16.85 29.04
CA ASN B 263 -5.12 15.91 30.15
C ASN B 263 -3.92 16.23 31.03
N GLY B 264 -4.10 17.18 31.94
CA GLY B 264 -3.07 17.58 32.88
C GLY B 264 -2.80 19.07 32.88
N LEU B 265 -3.21 19.75 31.80
CA LEU B 265 -3.01 21.19 31.70
C LEU B 265 -4.30 21.88 31.25
N ALA B 266 -5.45 21.35 31.67
CA ALA B 266 -6.75 21.84 31.20
C ALA B 266 -6.95 23.34 31.40
N ASN B 267 -6.43 23.89 32.49
CA ASN B 267 -6.63 25.34 32.74
C ASN B 267 -5.59 26.25 32.07
N ALA B 268 -4.65 25.63 31.32
CA ALA B 268 -3.75 26.40 30.46
C ALA B 268 -4.56 26.88 29.25
N LEU B 269 -5.33 27.95 29.46
CA LEU B 269 -6.41 28.33 28.55
C LEU B 269 -5.97 28.71 27.15
N SER B 270 -4.78 29.31 27.05
CA SER B 270 -4.25 29.70 25.74
C SER B 270 -2.75 29.77 25.78
N ILE B 271 -2.15 29.65 24.59
CA ILE B 271 -0.72 29.85 24.42
C ILE B 271 -0.45 31.31 24.08
N ALA B 272 0.40 31.95 24.89
CA ALA B 272 0.72 33.36 24.72
C ALA B 272 2.06 33.58 24.02
N ALA B 273 2.92 32.55 24.00
CA ALA B 273 4.19 32.66 23.32
C ALA B 273 4.75 31.30 22.99
N ILE B 274 5.54 31.25 21.91
CA ILE B 274 6.38 30.09 21.58
C ILE B 274 7.84 30.52 21.75
N ASN B 275 8.57 29.81 22.61
CA ASN B 275 9.95 30.19 22.92
C ASN B 275 10.96 29.41 22.07
N SER B 276 10.67 28.14 21.82
CA SER B 276 11.50 27.35 20.90
C SER B 276 10.78 26.08 20.52
N GLY B 277 11.22 25.47 19.43
CA GLY B 277 10.58 24.27 18.90
C GLY B 277 11.57 23.55 18.02
N ARG B 278 11.75 22.26 18.30
CA ARG B 278 12.59 21.40 17.46
C ARG B 278 11.79 20.19 17.04
N HIS B 279 11.68 20.01 15.73
CA HIS B 279 11.11 18.79 15.15
C HIS B 279 12.25 17.82 15.07
N THR B 280 12.45 17.09 16.15
CA THR B 280 13.68 16.34 16.40
C THR B 280 13.81 15.07 15.55
N ASN B 281 12.68 14.48 15.18
CA ASN B 281 12.66 13.35 14.25
C ASN B 281 11.40 13.48 13.40
N PRO B 282 11.42 12.92 12.17
CA PRO B 282 10.20 13.04 11.35
C PRO B 282 9.10 12.12 11.86
N SER B 283 7.86 12.52 11.60
CA SER B 283 6.66 11.77 11.96
C SER B 283 5.92 11.36 10.67
N PHE B 284 5.20 10.26 10.74
CA PHE B 284 4.64 9.64 9.55
C PHE B 284 3.26 9.12 9.87
N ALA B 285 2.38 9.05 8.86
CA ALA B 285 1.09 8.38 9.04
C ALA B 285 1.37 6.96 9.51
N GLY B 286 0.56 6.50 10.46
CA GLY B 286 0.84 5.22 11.12
C GLY B 286 1.55 5.34 12.46
N ASP B 287 2.25 6.46 12.70
CA ASP B 287 2.85 6.70 14.01
C ASP B 287 1.77 7.07 15.04
N THR B 288 1.94 6.62 16.28
CA THR B 288 1.05 7.02 17.36
C THR B 288 1.77 8.03 18.26
N ILE B 289 1.19 9.23 18.37
CA ILE B 289 1.80 10.35 19.09
C ILE B 289 1.33 10.37 20.53
N TYR B 290 2.30 10.38 21.45
CA TYR B 290 2.08 10.62 22.88
C TYR B 290 2.79 11.90 23.29
N ALA B 291 2.44 12.44 24.45
CA ALA B 291 3.05 13.66 24.93
C ALA B 291 3.24 13.66 26.45
N TRP B 292 4.30 14.31 26.89
CA TRP B 292 4.46 14.65 28.30
C TRP B 292 4.95 16.07 28.43
N SER B 293 4.70 16.70 29.56
CA SER B 293 5.14 18.09 29.76
C SER B 293 5.90 18.30 31.06
N GLU B 294 6.78 19.30 31.04
CA GLU B 294 7.48 19.75 32.26
C GLU B 294 7.13 21.19 32.52
N ILE B 295 6.90 21.56 33.79
CA ILE B 295 6.75 22.97 34.13
C ILE B 295 8.18 23.53 34.31
N LEU B 296 8.66 24.25 33.28
CA LEU B 296 10.04 24.82 33.32
C LEU B 296 10.13 25.97 34.29
N ALA B 297 9.05 26.72 34.38
CA ALA B 297 9.07 27.96 35.16
C ALA B 297 7.67 28.44 35.39
N LYS B 298 7.52 29.24 36.44
CA LYS B 298 6.25 29.85 36.77
C LYS B 298 6.51 31.34 36.99
N ALA B 300 4.87 35.48 37.48
CA ALA B 300 3.76 36.39 37.69
C ALA B 300 3.62 37.27 36.45
N ILE B 301 2.41 37.72 36.18
CA ILE B 301 2.16 38.68 35.10
C ILE B 301 2.15 40.07 35.72
N PRO B 302 3.02 40.98 35.23
CA PRO B 302 3.09 42.34 35.77
C PRO B 302 1.72 42.99 35.77
N GLY B 303 1.30 43.52 36.91
CA GLY B 303 0.05 44.25 37.03
C GLY B 303 -1.22 43.40 37.18
N ARG B 304 -1.06 42.08 37.22
CA ARG B 304 -2.20 41.13 37.27
C ARG B 304 -2.03 40.07 38.36
N THR B 305 -3.12 39.74 39.06
CA THR B 305 -3.11 38.61 40.00
C THR B 305 -4.18 37.55 39.68
N ASP B 306 -4.96 37.77 38.62
CA ASP B 306 -6.07 36.87 38.25
C ASP B 306 -5.60 35.71 37.34
N ILE B 307 -4.47 35.94 36.67
CA ILE B 307 -3.91 35.06 35.66
C ILE B 307 -2.38 35.10 35.84
N GLY B 308 -1.74 33.94 35.70
CA GLY B 308 -0.29 33.82 35.76
C GLY B 308 0.22 33.11 34.53
N ALA B 309 1.54 33.04 34.38
CA ALA B 309 2.14 32.39 33.24
C ALA B 309 2.90 31.16 33.67
N LEU B 310 2.87 30.13 32.83
CA LEU B 310 3.76 29.00 33.02
C LEU B 310 4.56 28.78 31.76
N ARG B 311 5.86 28.57 31.93
CA ARG B 311 6.71 28.16 30.82
C ARG B 311 6.69 26.66 30.83
N VAL B 312 6.29 26.06 29.71
CA VAL B 312 6.08 24.63 29.61
C VAL B 312 6.94 24.05 28.51
N ARG B 313 7.57 22.90 28.78
CA ARG B 313 8.12 22.08 27.71
C ARG B 313 7.17 20.91 27.49
N THR B 314 6.68 20.76 26.26
CA THR B 314 5.95 19.55 25.90
C THR B 314 6.75 18.78 24.88
N VAL B 315 7.00 17.53 25.19
CA VAL B 315 7.77 16.62 24.35
C VAL B 315 6.81 15.59 23.75
N ALA B 316 6.80 15.46 22.43
CA ALA B 316 5.98 14.40 21.78
C ALA B 316 6.88 13.24 21.36
N THR B 317 6.37 12.04 21.56
CA THR B 317 7.12 10.83 21.20
C THR B 317 6.22 10.03 20.29
N LYS B 318 6.81 9.15 19.51
CA LYS B 318 6.01 8.23 18.74
C LYS B 318 6.12 6.85 19.38
N ASP B 319 4.98 6.18 19.51
CA ASP B 319 4.93 4.78 19.90
C ASP B 319 5.65 4.54 21.24
N ARG B 320 5.41 5.48 22.17
CA ARG B 320 5.80 5.38 23.58
CA ARG B 320 5.81 5.38 23.59
C ARG B 320 6.84 4.32 23.91
N PRO B 321 8.13 4.71 24.03
CA PRO B 321 9.11 3.73 24.53
C PRO B 321 8.86 3.44 26.01
N CYS B 322 9.47 2.37 26.53
CA CYS B 322 9.16 1.86 27.86
C CYS B 322 9.57 2.77 29.03
N HIS B 323 10.69 3.46 28.89
CA HIS B 323 11.17 4.42 29.91
C HIS B 323 10.37 5.71 29.87
N ASP B 324 9.91 6.15 31.03
CA ASP B 324 9.08 7.35 31.13
C ASP B 324 9.84 8.65 30.81
N PHE B 325 9.08 9.66 30.39
CA PHE B 325 9.59 10.97 30.00
C PHE B 325 10.88 10.92 29.15
N PRO B 326 10.82 10.24 27.98
CA PRO B 326 12.02 10.18 27.13
C PRO B 326 12.43 11.58 26.68
N TYR B 327 13.74 11.83 26.56
CA TYR B 327 14.17 13.17 26.19
C TYR B 327 15.51 13.12 25.48
N ARG B 328 16.56 13.46 26.20
CA ARG B 328 17.89 13.32 25.67
C ARG B 328 18.62 12.36 26.56
N ASP B 329 19.17 11.29 26.01
CA ASP B 329 20.08 10.48 26.78
C ASP B 329 21.41 10.52 26.08
N ALA B 330 21.41 10.08 24.84
CA ALA B 330 22.63 10.08 24.12
C ALA B 330 22.99 11.52 24.34
N GLU B 331 24.23 11.79 24.67
CA GLU B 331 24.48 12.91 25.52
C GLU B 331 24.28 14.17 24.73
N GLY B 332 23.07 14.68 24.94
CA GLY B 332 22.53 15.80 24.21
C GLY B 332 21.80 15.36 22.98
N ASN B 333 21.88 14.08 22.67
CA ASN B 333 21.15 13.57 21.53
C ASN B 333 19.79 13.09 21.94
N TYR B 334 18.77 13.46 21.17
CA TYR B 334 17.43 13.07 21.49
C TYR B 334 17.21 11.60 21.32
N ASP B 335 16.45 11.03 22.24
CA ASP B 335 15.90 9.68 22.11
C ASP B 335 15.26 9.57 20.72
N PRO B 336 15.54 8.45 20.01
CA PRO B 336 15.01 8.26 18.66
C PRO B 336 13.50 8.31 18.57
N ALA B 337 12.82 8.14 19.72
CA ALA B 337 11.36 8.16 19.77
C ALA B 337 10.78 9.57 19.93
N VAL B 338 11.62 10.53 20.33
CA VAL B 338 11.15 11.93 20.49
C VAL B 338 11.06 12.60 19.11
N VAL B 339 9.91 13.21 18.81
CA VAL B 339 9.68 13.86 17.52
C VAL B 339 9.51 15.37 17.66
N LEU B 340 9.20 15.83 18.87
CA LEU B 340 8.97 17.25 19.10
C LEU B 340 9.48 17.64 20.48
N ASP B 341 10.25 18.74 20.54
CA ASP B 341 10.61 19.38 21.80
C ASP B 341 10.08 20.81 21.68
N PHE B 342 9.00 21.10 22.40
CA PHE B 342 8.25 22.34 22.21
C PHE B 342 8.21 23.15 23.51
N ASP B 343 8.69 24.39 23.47
CA ASP B 343 8.92 25.20 24.66
C ASP B 343 8.11 26.46 24.46
N TYR B 344 7.12 26.65 25.31
CA TYR B 344 6.14 27.73 25.11
C TYR B 344 5.63 28.22 26.45
N THR B 345 4.82 29.26 26.40
CA THR B 345 4.31 29.92 27.59
C THR B 345 2.79 29.98 27.50
N VAL B 346 2.14 29.47 28.54
CA VAL B 346 0.68 29.45 28.63
C VAL B 346 0.20 30.44 29.68
N LEU B 347 -1.05 30.87 29.56
CA LEU B 347 -1.70 31.66 30.58
C LEU B 347 -2.63 30.73 31.34
N PRO B 349 -5.48 30.73 34.87
CA PRO B 349 -6.11 31.51 35.95
C PRO B 349 -5.44 31.20 37.27
N ARG B 350 -5.40 32.21 38.13
CA ARG B 350 -4.86 32.07 39.50
C ARG B 350 -5.97 31.95 40.54
N ARG B 351 -5.67 31.31 41.67
CA ARG B 351 -6.65 31.20 42.75
C ARG B 351 -6.96 32.59 43.33
N GLY B 352 -8.23 32.84 43.60
CA GLY B 352 -8.66 34.10 44.17
C GLY B 352 -8.88 33.99 45.66
#